data_1QS0
#
_entry.id   1QS0
#
_cell.length_a   101.340
_cell.length_b   101.340
_cell.length_c   381.230
_cell.angle_alpha   90.00
_cell.angle_beta   90.00
_cell.angle_gamma   90.00
#
_symmetry.space_group_name_H-M   'I 41 2 2'
#
loop_
_entity.id
_entity.type
_entity.pdbx_description
1 polymer '2-OXOISOVALERATE DEHYDROGENASE ALPHA-SUBUNIT'
2 polymer '2-OXOISOVALERATE DEHYDROGENASE BETA-SUBUNIT'
3 non-polymer 'MAGNESIUM ION'
4 non-polymer 'THIAMINE DIPHOSPHATE'
5 non-polymer '2-OXO-4-METHYLPENTANOIC ACID'
6 water water
#
loop_
_entity_poly.entity_id
_entity_poly.type
_entity_poly.pdbx_seq_one_letter_code
_entity_poly.pdbx_strand_id
1 'polypeptide(L)'
;NEYAPLRLHVPEPTGRPGCQTDFSYLRLNDAGQARKPPVDVDAADTADLSYSLVRVLDEQGDAQGPWAEDIDPQILRQG
(MSE)RA(MSE)LKTRIFDSR(MSE)VVAQRQKK(MSE)SFY(MSE)QSLGEEAIGSGQALALNRTD(MSE)CFPTYRQQ
SIL(MSE)ARDVSLVE(MSE)ICQLLSNERDPLKGRQLPI(MSE)YSVREAGFFTISGNLATQFVQAVGWA(MSE)ASAI
KGDTKIASAWIGDGATAESDFHTALTFAHVYRAPVILNVVNNQWAISTFQAIAGGESTTFAGRGVGCGIASLRVDGNDFV
AVYAASRWAAERARRGLGPSLIEWVTYRAGPHSTSDDPSKYRPADDWSHFPLGDPIARLKQHLIKIGHWSEEEHQATTAE
FEAAVIAAQKEAEQYGTLANGHIPSAAS(MSE)FEDVYKE(MSE)PDHLRRQRQEL
;
A
2 'polypeptide(L)'
;ATTT(MSE)T(MSE)IQALRSA(MSE)DV(MSE)LERDDNVVVYGQDVGYFGGVFRCTEGLQTKYGKSRVFDAPISESGI
VGTAVG(MSE)GAYGLRPVVEIQFADYFYPASDQIVSE(MSE)ARLRYRSAGEFIAPLTLR(MSE)PCGGGIYGGQTHSQ
SPEA(MSE)FTQVCGLRTV(MSE)PSNPYDAKGLLIASIECDDPVIFLEPKRLYNGPFDGHHDRPVTPWSKHPHSAVPDG
YYTVPLDKAAITRPGNDVSVLTYGTTVYVAQVAAEESGVDAEVIDLRSLWPLDLDTIVESVKKTGRCVVVHEATRTCGFG
AELVSLVQEHCFHHLEAPIERVTGWDTPYPHAQEWAYFPGPSRVGAALKKV(MSE)EV
;
B
#
# COMPACT_ATOMS: atom_id res chain seq x y z
N ASN A 1 29.51 39.53 10.94
CA ASN A 1 30.97 39.81 11.08
C ASN A 1 31.79 38.53 11.00
N GLU A 2 31.83 37.78 12.10
CA GLU A 2 32.60 36.54 12.15
C GLU A 2 32.10 35.48 11.19
N TYR A 3 30.78 35.32 11.09
CA TYR A 3 30.25 34.32 10.19
C TYR A 3 29.63 34.89 8.93
N ALA A 4 30.04 34.34 7.80
CA ALA A 4 29.54 34.76 6.51
C ALA A 4 28.12 34.26 6.36
N PRO A 5 27.28 34.98 5.61
CA PRO A 5 25.88 34.60 5.39
C PRO A 5 25.73 33.15 4.91
N LEU A 6 24.80 32.42 5.52
CA LEU A 6 24.56 31.04 5.09
C LEU A 6 23.91 31.18 3.71
N ARG A 7 24.03 30.14 2.89
CA ARG A 7 23.45 30.14 1.54
C ARG A 7 22.79 28.79 1.24
N LEU A 8 21.71 28.82 0.47
CA LEU A 8 21.00 27.59 0.10
C LEU A 8 21.74 26.92 -1.04
N HIS A 9 21.83 25.60 -0.97
CA HIS A 9 22.50 24.81 -1.99
C HIS A 9 21.48 24.04 -2.82
N VAL A 10 21.46 24.31 -4.12
CA VAL A 10 20.53 23.61 -5.00
C VAL A 10 21.33 22.92 -6.08
N PRO A 11 21.42 21.58 -6.00
CA PRO A 11 22.17 20.82 -6.99
C PRO A 11 21.64 21.01 -8.42
N GLU A 12 22.56 21.08 -9.37
CA GLU A 12 22.20 21.23 -10.77
C GLU A 12 22.99 20.23 -11.60
N PRO A 13 22.40 19.75 -12.70
CA PRO A 13 23.13 18.79 -13.54
C PRO A 13 24.22 19.52 -14.29
N THR A 14 25.28 18.81 -14.69
CA THR A 14 26.36 19.44 -15.42
C THR A 14 25.91 19.85 -16.81
N GLY A 15 24.99 19.08 -17.39
CA GLY A 15 24.53 19.40 -18.73
C GLY A 15 23.06 19.78 -18.87
N ARG A 16 22.83 20.93 -19.50
CA ARG A 16 21.49 21.43 -19.75
C ARG A 16 21.39 21.55 -21.26
N PRO A 17 20.17 21.71 -21.81
CA PRO A 17 20.01 21.83 -23.26
C PRO A 17 21.01 22.82 -23.87
N GLY A 18 21.76 22.37 -24.87
CA GLY A 18 22.74 23.23 -25.51
C GLY A 18 24.10 23.11 -24.88
N CYS A 19 24.27 22.05 -24.10
CA CYS A 19 25.53 21.78 -23.42
C CYS A 19 25.78 20.27 -23.49
N GLN A 20 26.84 19.83 -22.84
CA GLN A 20 27.17 18.43 -22.82
C GLN A 20 27.34 17.99 -21.37
N THR A 21 26.62 16.94 -21.00
CA THR A 21 26.69 16.42 -19.64
C THR A 21 28.06 15.80 -19.37
N ASP A 22 28.66 16.15 -18.24
CA ASP A 22 29.94 15.58 -17.85
C ASP A 22 29.62 14.42 -16.90
N PHE A 23 29.57 13.21 -17.44
CA PHE A 23 29.22 12.02 -16.66
C PHE A 23 30.25 11.55 -15.64
N SER A 24 31.11 12.45 -15.18
CA SER A 24 32.12 12.09 -14.20
C SER A 24 31.51 11.73 -12.83
N TYR A 25 30.38 12.34 -12.49
CA TYR A 25 29.73 12.08 -11.20
C TYR A 25 29.47 10.60 -10.95
N LEU A 26 29.38 9.81 -12.02
CA LEU A 26 29.16 8.37 -11.90
C LEU A 26 30.43 7.74 -11.33
N ARG A 27 30.33 7.03 -10.22
CA ARG A 27 31.50 6.39 -9.64
C ARG A 27 31.69 5.05 -10.34
N LEU A 28 32.12 5.08 -11.59
CA LEU A 28 32.31 3.86 -12.36
C LEU A 28 33.61 3.10 -12.09
N ASN A 29 33.58 1.80 -12.40
CA ASN A 29 34.73 0.91 -12.24
C ASN A 29 34.84 0.05 -13.50
N ASP A 30 36.05 -0.38 -13.81
CA ASP A 30 36.26 -1.21 -14.99
C ASP A 30 35.77 -2.62 -14.78
N ALA A 31 35.46 -3.31 -15.88
CA ALA A 31 34.97 -4.67 -15.82
C ALA A 31 35.90 -5.55 -15.00
N GLY A 32 35.32 -6.48 -14.26
CA GLY A 32 36.11 -7.40 -13.45
C GLY A 32 36.80 -6.86 -12.22
N GLN A 33 36.92 -5.55 -12.10
CA GLN A 33 37.59 -4.96 -10.94
C GLN A 33 36.91 -5.24 -9.59
N ALA A 34 35.58 -5.27 -9.57
CA ALA A 34 34.85 -5.53 -8.34
C ALA A 34 34.81 -7.03 -8.04
N ARG A 35 35.03 -7.40 -6.79
CA ARG A 35 35.02 -8.80 -6.41
C ARG A 35 33.60 -9.33 -6.23
N LYS A 36 33.46 -10.65 -6.19
CA LYS A 36 32.17 -11.29 -6.00
C LYS A 36 32.19 -11.94 -4.64
N PRO A 37 31.52 -11.33 -3.65
CA PRO A 37 31.47 -11.84 -2.28
C PRO A 37 30.67 -13.12 -2.14
N PRO A 38 30.82 -13.81 -1.00
CA PRO A 38 30.07 -15.04 -0.76
C PRO A 38 28.64 -14.55 -0.52
N VAL A 39 27.64 -15.38 -0.77
CA VAL A 39 26.27 -14.95 -0.56
C VAL A 39 25.94 -14.78 0.92
N ASP A 40 26.88 -15.17 1.80
CA ASP A 40 26.64 -15.05 3.23
C ASP A 40 27.42 -13.89 3.82
N VAL A 41 28.03 -13.10 2.94
CA VAL A 41 28.80 -11.94 3.38
C VAL A 41 27.98 -11.10 4.37
N ASP A 42 28.67 -10.40 5.27
CA ASP A 42 27.99 -9.54 6.23
C ASP A 42 27.71 -8.21 5.53
N ALA A 43 26.61 -7.57 5.89
CA ALA A 43 26.24 -6.30 5.30
C ALA A 43 27.40 -5.30 5.31
N ALA A 44 28.02 -5.12 6.46
CA ALA A 44 29.11 -4.16 6.61
C ALA A 44 30.29 -4.39 5.66
N ASP A 45 30.54 -5.65 5.30
CA ASP A 45 31.64 -5.93 4.40
C ASP A 45 31.31 -5.59 2.96
N THR A 46 30.11 -5.05 2.75
CA THR A 46 29.69 -4.69 1.40
C THR A 46 29.84 -3.17 1.19
N ALA A 47 30.40 -2.48 2.17
CA ALA A 47 30.59 -1.04 2.10
C ALA A 47 31.30 -0.61 0.82
N ASP A 48 32.50 -1.15 0.58
CA ASP A 48 33.29 -0.82 -0.61
C ASP A 48 32.51 -1.10 -1.90
N LEU A 49 31.80 -2.22 -1.92
CA LEU A 49 31.02 -2.59 -3.09
C LEU A 49 29.90 -1.60 -3.37
N SER A 50 29.34 -1.03 -2.29
CA SER A 50 28.25 -0.07 -2.44
C SER A 50 28.69 1.22 -3.13
N TYR A 51 29.99 1.49 -3.15
CA TYR A 51 30.51 2.68 -3.80
C TYR A 51 31.40 2.39 -5.02
N SER A 52 31.22 1.22 -5.62
CA SER A 52 31.98 0.83 -6.80
C SER A 52 31.01 0.43 -7.90
N LEU A 53 31.42 -0.48 -8.78
CA LEU A 53 30.54 -0.92 -9.85
C LEU A 53 30.84 -2.35 -10.28
N VAL A 54 29.83 -3.21 -10.24
CA VAL A 54 30.01 -4.58 -10.66
C VAL A 54 29.74 -4.57 -12.16
N ARG A 55 30.76 -4.95 -12.93
CA ARG A 55 30.64 -4.99 -14.38
C ARG A 55 31.46 -6.11 -14.99
N VAL A 56 30.84 -6.84 -15.92
CA VAL A 56 31.47 -7.97 -16.57
C VAL A 56 32.06 -7.64 -17.95
N LEU A 57 31.19 -7.29 -18.89
CA LEU A 57 31.54 -6.95 -20.27
C LEU A 57 32.34 -5.66 -20.40
N ASP A 58 33.54 -5.75 -20.97
CA ASP A 58 34.40 -4.58 -21.14
C ASP A 58 34.16 -3.83 -22.45
N GLU A 59 35.05 -2.89 -22.76
CA GLU A 59 34.90 -2.09 -23.98
C GLU A 59 34.85 -2.94 -25.25
N GLN A 60 35.60 -4.04 -25.27
CA GLN A 60 35.66 -4.91 -26.43
C GLN A 60 34.59 -6.01 -26.45
N GLY A 61 33.77 -6.06 -25.40
CA GLY A 61 32.73 -7.08 -25.35
C GLY A 61 33.19 -8.37 -24.72
N ASP A 62 34.33 -8.33 -24.03
CA ASP A 62 34.86 -9.52 -23.37
C ASP A 62 34.45 -9.58 -21.90
N ALA A 63 34.16 -10.77 -21.41
CA ALA A 63 33.75 -10.96 -20.02
C ALA A 63 34.98 -10.98 -19.10
N GLN A 64 34.98 -10.12 -18.08
CA GLN A 64 36.09 -10.06 -17.15
C GLN A 64 35.64 -10.30 -15.72
N GLY A 65 36.57 -10.75 -14.88
CA GLY A 65 36.28 -10.95 -13.48
C GLY A 65 35.48 -12.14 -12.99
N PRO A 66 35.34 -12.24 -11.66
CA PRO A 66 34.62 -13.29 -10.94
C PRO A 66 33.13 -13.40 -11.22
N TRP A 67 32.49 -12.29 -11.60
CA TRP A 67 31.07 -12.35 -11.88
C TRP A 67 30.76 -13.01 -13.22
N ALA A 68 31.80 -13.29 -14.01
CA ALA A 68 31.63 -13.92 -15.31
C ALA A 68 31.40 -15.42 -15.21
N GLU A 69 31.75 -16.01 -14.06
CA GLU A 69 31.60 -17.46 -13.85
C GLU A 69 30.20 -18.01 -14.04
N ASP A 70 30.14 -19.29 -14.42
CA ASP A 70 28.89 -20.01 -14.64
C ASP A 70 27.77 -19.17 -15.28
N ILE A 71 27.89 -18.93 -16.58
CA ILE A 71 26.90 -18.13 -17.32
C ILE A 71 26.49 -18.84 -18.61
N ASP A 72 25.35 -19.51 -18.59
CA ASP A 72 24.86 -20.25 -19.74
C ASP A 72 24.37 -19.38 -20.90
N PRO A 73 25.00 -19.53 -22.09
CA PRO A 73 24.66 -18.77 -23.30
C PRO A 73 23.18 -18.81 -23.64
N GLN A 74 22.52 -19.91 -23.28
CA GLN A 74 21.10 -20.05 -23.55
C GLN A 74 20.31 -19.02 -22.75
N ILE A 75 20.81 -18.65 -21.58
CA ILE A 75 20.11 -17.67 -20.76
C ILE A 75 20.29 -16.27 -21.36
N LEU A 76 21.46 -16.04 -21.98
CA LEU A 76 21.75 -14.75 -22.62
C LEU A 76 20.90 -14.59 -23.87
N ARG A 77 20.74 -15.67 -24.63
CA ARG A 77 19.92 -15.61 -25.85
C ARG A 77 18.47 -15.30 -25.46
N GLN A 78 18.00 -15.89 -24.36
CA GLN A 78 16.64 -15.62 -23.90
C GLN A 78 16.62 -14.16 -23.46
N GLY A 79 17.76 -13.70 -22.94
CA GLY A 79 17.88 -12.33 -22.50
C GLY A 79 17.73 -11.39 -23.67
N ARG A 81 16.49 -11.94 -26.54
CA ARG A 81 15.12 -12.02 -27.04
C ARG A 81 14.23 -11.13 -26.18
N ALA A 82 14.43 -11.18 -24.87
CA ALA A 82 13.64 -10.38 -23.95
C ALA A 82 13.88 -8.89 -24.13
N LEU A 84 15.13 -7.29 -26.86
CA LEU A 84 14.63 -6.89 -28.17
C LEU A 84 13.12 -6.79 -28.18
N LYS A 85 12.48 -7.78 -27.58
CA LYS A 85 11.03 -7.80 -27.53
C LYS A 85 10.47 -6.58 -26.77
N THR A 86 11.14 -6.19 -25.69
CA THR A 86 10.70 -5.06 -24.89
C THR A 86 10.86 -3.74 -25.65
N ARG A 87 12.00 -3.56 -26.30
CA ARG A 87 12.27 -2.33 -27.02
C ARG A 87 11.38 -2.17 -28.25
N ILE A 88 11.12 -3.27 -28.93
CA ILE A 88 10.27 -3.25 -30.11
C ILE A 88 8.81 -2.98 -29.73
N PHE A 89 8.36 -3.60 -28.64
CA PHE A 89 6.99 -3.37 -28.18
C PHE A 89 6.87 -1.91 -27.75
N ASP A 90 7.92 -1.41 -27.10
CA ASP A 90 7.96 -0.03 -26.63
C ASP A 90 7.80 0.97 -27.80
N SER A 91 8.59 0.79 -28.84
CA SER A 91 8.53 1.66 -30.01
C SER A 91 7.12 1.65 -30.59
N ARG A 92 6.64 0.46 -30.89
CA ARG A 92 5.31 0.27 -31.46
C ARG A 92 4.21 0.95 -30.66
N VAL A 94 4.46 3.58 -28.69
CA VAL A 94 4.55 5.04 -28.69
C VAL A 94 3.84 5.54 -29.95
N VAL A 95 4.06 4.83 -31.05
CA VAL A 95 3.42 5.16 -32.32
C VAL A 95 1.92 5.10 -32.14
N ALA A 96 1.43 4.02 -31.54
CA ALA A 96 0.01 3.85 -31.30
C ALA A 96 -0.51 4.91 -30.35
N GLN A 97 0.41 5.52 -29.61
CA GLN A 97 0.04 6.56 -28.66
C GLN A 97 -0.19 7.85 -29.46
N ARG A 98 0.70 8.09 -30.42
CA ARG A 98 0.60 9.26 -31.28
C ARG A 98 -0.64 9.19 -32.16
N GLN A 99 -0.85 8.05 -32.81
CA GLN A 99 -2.01 7.86 -33.67
C GLN A 99 -3.28 7.74 -32.83
N LYS A 100 -3.25 8.34 -31.65
CA LYS A 100 -4.37 8.36 -30.72
C LYS A 100 -5.17 7.07 -30.53
N LYS A 101 -4.57 5.92 -30.84
CA LYS A 101 -5.27 4.66 -30.66
C LYS A 101 -5.16 4.32 -29.18
N SER A 103 -4.20 6.00 -25.05
CA SER A 103 -4.22 7.18 -24.19
C SER A 103 -2.88 7.63 -23.61
N PHE A 104 -2.03 6.67 -23.22
CA PHE A 104 -0.75 7.02 -22.58
C PHE A 104 0.21 5.84 -22.57
N TYR A 105 1.50 6.11 -22.72
CA TYR A 105 2.50 5.06 -22.69
C TYR A 105 3.84 5.52 -22.12
N GLN A 107 8.07 4.34 -22.03
CA GLN A 107 9.13 3.50 -22.58
C GLN A 107 10.14 3.10 -21.51
N SER A 108 11.00 2.13 -21.84
CA SER A 108 12.05 1.70 -20.93
C SER A 108 13.35 1.64 -21.71
N LEU A 109 13.40 2.46 -22.77
CA LEU A 109 14.57 2.53 -23.63
C LEU A 109 15.84 2.63 -22.80
N GLY A 110 16.79 1.73 -23.05
CA GLY A 110 18.06 1.74 -22.33
C GLY A 110 18.08 0.98 -21.01
N GLU A 111 16.91 0.55 -20.53
CA GLU A 111 16.79 -0.15 -19.26
C GLU A 111 16.28 -1.58 -19.40
N GLU A 112 16.06 -2.01 -20.65
CA GLU A 112 15.52 -3.34 -20.93
C GLU A 112 16.23 -4.54 -20.29
N ALA A 113 17.51 -4.39 -19.98
CA ALA A 113 18.32 -5.46 -19.38
C ALA A 113 18.06 -5.75 -17.90
N ILE A 114 17.78 -4.71 -17.14
CA ILE A 114 17.59 -4.86 -15.70
C ILE A 114 16.45 -5.78 -15.27
N GLY A 115 15.24 -5.49 -15.69
CA GLY A 115 14.12 -6.33 -15.32
C GLY A 115 14.13 -7.70 -15.98
N SER A 116 14.57 -7.76 -17.23
CA SER A 116 14.61 -9.03 -17.94
C SER A 116 15.67 -9.93 -17.33
N GLY A 117 16.80 -9.33 -16.98
CA GLY A 117 17.89 -10.08 -16.37
C GLY A 117 17.50 -10.68 -15.04
N GLN A 118 16.92 -9.88 -14.14
CA GLN A 118 16.54 -10.41 -12.85
C GLN A 118 15.42 -11.43 -12.94
N ALA A 119 14.45 -11.19 -13.83
CA ALA A 119 13.33 -12.11 -13.99
C ALA A 119 13.84 -13.51 -14.28
N LEU A 120 14.81 -13.59 -15.19
CA LEU A 120 15.40 -14.85 -15.57
C LEU A 120 16.23 -15.53 -14.49
N ALA A 121 16.65 -14.78 -13.47
CA ALA A 121 17.45 -15.36 -12.39
C ALA A 121 16.56 -15.81 -11.23
N LEU A 122 15.27 -15.51 -11.33
CA LEU A 122 14.30 -15.87 -10.31
C LEU A 122 13.38 -16.95 -10.86
N ASN A 123 12.45 -17.39 -10.02
CA ASN A 123 11.47 -18.39 -10.42
C ASN A 123 10.19 -17.63 -10.70
N ARG A 124 9.33 -18.20 -11.52
CA ARG A 124 8.09 -17.55 -11.84
C ARG A 124 7.30 -17.30 -10.56
N THR A 125 7.39 -18.22 -9.61
CA THR A 125 6.67 -18.08 -8.34
C THR A 125 7.23 -16.99 -7.45
N ASP A 126 8.41 -16.49 -7.78
CA ASP A 126 8.99 -15.38 -7.01
C ASP A 126 8.20 -14.13 -7.46
N CYS A 128 7.25 -10.32 -8.09
CA CYS A 128 7.92 -9.04 -8.30
C CYS A 128 6.98 -7.88 -7.97
N PHE A 129 7.53 -6.79 -7.44
CA PHE A 129 6.74 -5.61 -7.13
C PHE A 129 7.34 -4.49 -7.97
N PRO A 130 6.93 -4.42 -9.23
CA PRO A 130 7.45 -3.40 -10.15
C PRO A 130 6.79 -2.04 -10.15
N THR A 131 7.54 -1.08 -10.70
CA THR A 131 7.05 0.26 -10.88
C THR A 131 6.42 0.17 -12.26
N TYR A 132 6.33 1.30 -12.97
CA TYR A 132 5.74 1.33 -14.30
C TYR A 132 6.75 1.05 -15.43
N ARG A 133 8.04 1.00 -15.10
CA ARG A 133 9.09 0.77 -16.11
C ARG A 133 9.77 -0.58 -16.17
N GLN A 134 9.16 -1.62 -15.64
CA GLN A 134 9.78 -2.93 -15.70
C GLN A 134 8.99 -3.90 -16.55
N GLN A 135 8.49 -3.41 -17.68
CA GLN A 135 7.73 -4.27 -18.59
C GLN A 135 8.65 -5.39 -19.12
N SER A 136 9.96 -5.14 -19.08
CA SER A 136 10.92 -6.13 -19.52
C SER A 136 10.72 -7.45 -18.77
N ILE A 137 10.18 -7.38 -17.55
CA ILE A 137 9.95 -8.59 -16.77
C ILE A 137 8.84 -9.42 -17.43
N LEU A 138 7.75 -8.76 -17.80
CA LEU A 138 6.63 -9.45 -18.44
C LEU A 138 7.08 -10.15 -19.71
N ALA A 140 10.17 -11.19 -20.40
CA ALA A 140 11.05 -12.31 -20.04
C ALA A 140 10.23 -13.51 -19.56
N ARG A 141 9.03 -13.24 -19.06
CA ARG A 141 8.15 -14.31 -18.58
C ARG A 141 7.08 -14.67 -19.61
N ASP A 142 7.30 -14.26 -20.85
CA ASP A 142 6.40 -14.53 -21.97
C ASP A 142 4.92 -14.35 -21.67
N VAL A 143 4.53 -13.13 -21.34
CA VAL A 143 3.14 -12.82 -21.07
C VAL A 143 2.49 -12.43 -22.40
N SER A 144 1.22 -12.80 -22.56
CA SER A 144 0.46 -12.50 -23.78
C SER A 144 0.53 -11.02 -24.20
N LEU A 145 1.01 -10.77 -25.41
CA LEU A 145 1.11 -9.40 -25.93
C LEU A 145 -0.29 -8.85 -26.17
N VAL A 146 -1.21 -9.74 -26.51
CA VAL A 146 -2.59 -9.35 -26.76
C VAL A 146 -3.28 -8.83 -25.50
N GLU A 147 -3.04 -9.50 -24.38
CA GLU A 147 -3.66 -9.07 -23.13
C GLU A 147 -3.02 -7.78 -22.64
N ILE A 149 -1.64 -5.36 -24.52
CA ILE A 149 -2.16 -4.31 -25.39
C ILE A 149 -3.62 -3.96 -25.09
N CYS A 150 -4.44 -4.97 -24.81
CA CYS A 150 -5.85 -4.71 -24.52
C CYS A 150 -5.97 -3.77 -23.33
N GLN A 151 -5.13 -3.99 -22.33
CA GLN A 151 -5.14 -3.16 -21.13
C GLN A 151 -4.68 -1.74 -21.48
N LEU A 152 -3.80 -1.63 -22.48
CA LEU A 152 -3.30 -0.34 -22.89
C LEU A 152 -4.35 0.42 -23.70
N LEU A 153 -5.39 -0.30 -24.13
CA LEU A 153 -6.47 0.27 -24.93
C LEU A 153 -7.78 0.37 -24.15
N SER A 154 -7.86 -0.31 -23.02
CA SER A 154 -9.06 -0.32 -22.21
C SER A 154 -10.22 -0.96 -22.98
N ASN A 155 -9.91 -1.98 -23.78
CA ASN A 155 -10.91 -2.69 -24.59
C ASN A 155 -11.90 -3.43 -23.70
N GLU A 156 -12.83 -4.12 -24.36
CA GLU A 156 -13.82 -4.92 -23.66
C GLU A 156 -13.07 -6.15 -23.18
N ARG A 157 -11.86 -6.31 -23.74
CA ARG A 157 -11.00 -7.44 -23.43
C ARG A 157 -9.89 -7.04 -22.44
N ASP A 158 -9.96 -5.82 -21.92
CA ASP A 158 -8.97 -5.35 -20.96
C ASP A 158 -9.11 -6.22 -19.72
N PRO A 159 -8.03 -6.92 -19.33
CA PRO A 159 -8.14 -7.76 -18.13
C PRO A 159 -8.50 -6.98 -16.87
N LEU A 160 -8.19 -5.68 -16.88
CA LEU A 160 -8.49 -4.81 -15.73
C LEU A 160 -9.84 -4.10 -15.89
N LYS A 161 -10.54 -4.45 -16.97
CA LYS A 161 -11.86 -3.89 -17.25
C LYS A 161 -11.92 -2.36 -17.27
N GLY A 162 -10.88 -1.75 -17.85
CA GLY A 162 -10.81 -0.30 -17.95
C GLY A 162 -10.59 0.50 -16.67
N ARG A 163 -10.66 -0.18 -15.53
CA ARG A 163 -10.50 0.48 -14.24
C ARG A 163 -9.14 1.13 -13.98
N GLN A 164 -8.13 0.80 -14.78
CA GLN A 164 -6.80 1.35 -14.52
C GLN A 164 -6.18 2.05 -15.73
N LEU A 165 -5.26 2.96 -15.46
CA LEU A 165 -4.56 3.71 -16.50
C LEU A 165 -3.66 2.76 -17.32
N PRO A 166 -3.39 3.10 -18.58
CA PRO A 166 -2.54 2.27 -19.45
C PRO A 166 -1.12 2.09 -18.90
N ILE A 167 -0.67 0.83 -18.90
CA ILE A 167 0.64 0.36 -18.42
C ILE A 167 0.64 0.05 -16.92
N TYR A 169 -0.29 -2.38 -15.44
CA TYR A 169 -0.54 -3.81 -15.50
C TYR A 169 -0.68 -4.53 -14.17
N SER A 170 -1.16 -5.76 -14.25
CA SER A 170 -1.34 -6.65 -13.10
C SER A 170 -1.42 -8.07 -13.66
N VAL A 171 -0.43 -8.89 -13.34
CA VAL A 171 -0.36 -10.27 -13.84
C VAL A 171 0.12 -11.24 -12.76
N ARG A 172 -0.76 -11.55 -11.82
CA ARG A 172 -0.41 -12.46 -10.72
C ARG A 172 0.15 -13.80 -11.17
N GLU A 173 -0.36 -14.30 -12.29
CA GLU A 173 0.09 -15.58 -12.84
C GLU A 173 1.57 -15.56 -13.25
N ALA A 174 2.07 -14.37 -13.56
CA ALA A 174 3.46 -14.21 -13.95
C ALA A 174 4.27 -13.54 -12.85
N GLY A 175 3.81 -13.69 -11.61
CA GLY A 175 4.50 -13.08 -10.48
C GLY A 175 4.77 -11.61 -10.72
N PHE A 176 3.76 -10.88 -11.21
CA PHE A 176 3.89 -9.45 -11.50
C PHE A 176 2.74 -8.76 -10.77
N PHE A 177 3.07 -8.18 -9.62
CA PHE A 177 2.11 -7.51 -8.76
C PHE A 177 1.49 -6.22 -9.31
N THR A 178 0.19 -6.10 -9.12
CA THR A 178 -0.58 -4.95 -9.57
C THR A 178 0.13 -3.61 -9.34
N ILE A 179 0.45 -2.92 -10.43
CA ILE A 179 1.12 -1.63 -10.37
C ILE A 179 0.19 -0.52 -9.86
N SER A 180 0.77 0.44 -9.14
CA SER A 180 0.02 1.56 -8.60
C SER A 180 0.70 2.85 -9.05
N GLY A 181 -0.08 3.90 -9.25
CA GLY A 181 0.49 5.18 -9.68
C GLY A 181 1.26 5.86 -8.55
N ASN A 182 0.98 5.46 -7.32
CA ASN A 182 1.63 6.03 -6.15
C ASN A 182 3.04 5.47 -6.05
N LEU A 183 4.04 6.34 -6.12
CA LEU A 183 5.42 5.90 -6.07
C LEU A 183 5.86 5.29 -4.75
N ALA A 184 6.81 4.37 -4.84
CA ALA A 184 7.42 3.69 -3.70
C ALA A 184 6.59 2.73 -2.86
N THR A 185 5.28 2.91 -2.80
CA THR A 185 4.45 2.02 -1.97
C THR A 185 4.69 0.52 -2.16
N GLN A 186 4.99 0.10 -3.38
CA GLN A 186 5.21 -1.31 -3.63
C GLN A 186 6.50 -1.83 -3.01
N PHE A 187 7.47 -0.93 -2.79
CA PHE A 187 8.73 -1.32 -2.17
C PHE A 187 8.54 -1.95 -0.79
N VAL A 188 7.75 -1.29 0.06
CA VAL A 188 7.50 -1.81 1.40
C VAL A 188 6.59 -3.03 1.34
N GLN A 189 5.60 -3.00 0.45
CA GLN A 189 4.68 -4.12 0.34
C GLN A 189 5.43 -5.39 -0.04
N ALA A 190 6.47 -5.25 -0.85
CA ALA A 190 7.26 -6.42 -1.26
C ALA A 190 7.94 -7.07 -0.05
N VAL A 191 8.32 -6.24 0.92
CA VAL A 191 8.97 -6.74 2.12
C VAL A 191 7.95 -7.54 2.94
N GLY A 192 6.71 -7.07 2.92
CA GLY A 192 5.65 -7.78 3.63
C GLY A 192 5.42 -9.14 3.00
N TRP A 193 5.42 -9.17 1.67
CA TRP A 193 5.20 -10.40 0.92
C TRP A 193 6.29 -11.40 1.30
N ALA A 194 7.51 -10.90 1.46
CA ALA A 194 8.62 -11.75 1.84
C ALA A 194 8.46 -12.24 3.28
N ALA A 196 5.76 -12.65 4.75
CA ALA A 196 4.69 -13.63 4.71
C ALA A 196 5.26 -15.00 4.35
N SER A 197 6.14 -15.02 3.35
CA SER A 197 6.75 -16.28 2.92
C SER A 197 7.60 -16.90 4.04
N ALA A 198 8.33 -16.08 4.79
CA ALA A 198 9.16 -16.60 5.87
C ALA A 198 8.28 -17.12 7.01
N ILE A 199 7.18 -16.42 7.25
CA ILE A 199 6.23 -16.78 8.29
C ILE A 199 5.60 -18.13 7.99
N LYS A 200 5.44 -18.45 6.72
CA LYS A 200 4.84 -19.71 6.33
C LYS A 200 5.83 -20.82 6.05
N GLY A 201 7.11 -20.58 6.33
CA GLY A 201 8.12 -21.59 6.09
C GLY A 201 8.24 -21.94 4.61
N ASP A 202 7.94 -20.97 3.75
CA ASP A 202 8.00 -21.16 2.30
C ASP A 202 9.43 -20.92 1.80
N THR A 203 9.62 -21.04 0.49
CA THR A 203 10.93 -20.82 -0.11
C THR A 203 10.87 -19.77 -1.24
N LYS A 204 9.75 -19.08 -1.36
CA LYS A 204 9.58 -18.07 -2.40
C LYS A 204 10.12 -16.72 -1.91
N ILE A 205 10.60 -15.89 -2.82
CA ILE A 205 11.14 -14.58 -2.44
C ILE A 205 10.48 -13.42 -3.16
N ALA A 206 10.72 -12.21 -2.67
CA ALA A 206 10.13 -11.02 -3.28
C ALA A 206 11.18 -10.25 -4.06
N SER A 207 10.74 -9.58 -5.13
CA SER A 207 11.60 -8.78 -5.97
C SER A 207 11.00 -7.38 -6.09
N ALA A 208 11.48 -6.46 -5.26
CA ALA A 208 10.96 -5.09 -5.23
C ALA A 208 11.72 -4.13 -6.15
N TRP A 209 11.00 -3.15 -6.69
CA TRP A 209 11.60 -2.17 -7.59
C TRP A 209 11.23 -0.72 -7.26
N ILE A 210 12.13 0.19 -7.59
CA ILE A 210 11.93 1.60 -7.34
C ILE A 210 13.00 2.39 -8.11
N GLY A 211 12.66 3.60 -8.57
CA GLY A 211 13.63 4.42 -9.29
C GLY A 211 14.39 5.37 -8.37
N ASP A 212 15.43 6.01 -8.89
CA ASP A 212 16.22 6.92 -8.06
C ASP A 212 15.37 8.01 -7.43
N GLY A 213 14.46 8.58 -8.21
CA GLY A 213 13.61 9.64 -7.70
C GLY A 213 12.76 9.24 -6.52
N ALA A 214 12.09 8.11 -6.66
CA ALA A 214 11.21 7.62 -5.63
C ALA A 214 11.92 7.22 -4.34
N THR A 215 13.24 7.03 -4.36
CA THR A 215 13.96 6.65 -3.15
C THR A 215 13.77 7.69 -2.03
N ALA A 216 13.50 8.93 -2.42
CA ALA A 216 13.26 10.00 -1.45
C ALA A 216 11.88 9.85 -0.83
N GLU A 217 11.09 8.92 -1.34
CA GLU A 217 9.74 8.69 -0.82
C GLU A 217 9.86 7.90 0.48
N SER A 218 9.00 8.23 1.43
CA SER A 218 9.02 7.60 2.74
C SER A 218 9.06 6.08 2.74
N ASP A 219 8.31 5.45 1.84
CA ASP A 219 8.28 4.00 1.84
C ASP A 219 9.58 3.31 1.45
N PHE A 220 10.53 4.07 0.90
CA PHE A 220 11.85 3.50 0.57
C PHE A 220 12.53 3.13 1.87
N HIS A 221 12.59 4.12 2.76
CA HIS A 221 13.21 3.98 4.08
C HIS A 221 12.51 2.88 4.89
N THR A 222 11.18 2.91 4.87
CA THR A 222 10.40 1.93 5.59
C THR A 222 10.74 0.52 5.12
N ALA A 223 10.94 0.36 3.81
CA ALA A 223 11.26 -0.94 3.24
C ALA A 223 12.60 -1.47 3.77
N LEU A 224 13.63 -0.62 3.73
CA LEU A 224 14.94 -1.00 4.23
C LEU A 224 14.85 -1.35 5.72
N THR A 225 14.13 -0.53 6.48
CA THR A 225 14.00 -0.76 7.90
C THR A 225 13.40 -2.13 8.21
N PHE A 226 12.19 -2.39 7.70
CA PHE A 226 11.57 -3.70 7.93
C PHE A 226 12.39 -4.84 7.33
N ALA A 227 13.02 -4.62 6.18
CA ALA A 227 13.79 -5.69 5.55
C ALA A 227 14.90 -6.13 6.50
N HIS A 228 15.61 -5.15 7.05
CA HIS A 228 16.70 -5.41 7.97
C HIS A 228 16.23 -6.02 9.30
N VAL A 229 15.28 -5.36 9.95
CA VAL A 229 14.77 -5.84 11.24
C VAL A 229 14.31 -7.29 11.24
N TYR A 230 13.59 -7.69 10.19
CA TYR A 230 13.10 -9.05 10.13
C TYR A 230 13.90 -9.99 9.23
N ARG A 231 15.00 -9.49 8.65
CA ARG A 231 15.83 -10.29 7.77
C ARG A 231 14.93 -10.92 6.68
N ALA A 232 14.17 -10.07 6.00
CA ALA A 232 13.23 -10.51 4.96
C ALA A 232 13.86 -10.98 3.66
N PRO A 233 13.31 -12.07 3.09
CA PRO A 233 13.82 -12.61 1.82
C PRO A 233 13.33 -11.80 0.63
N VAL A 234 13.91 -10.61 0.46
CA VAL A 234 13.55 -9.67 -0.62
C VAL A 234 14.77 -9.07 -1.31
N ILE A 235 14.66 -8.83 -2.60
CA ILE A 235 15.74 -8.18 -3.33
C ILE A 235 15.20 -6.77 -3.55
N LEU A 236 15.88 -5.79 -2.98
CA LEU A 236 15.50 -4.39 -3.08
C LEU A 236 16.27 -3.75 -4.21
N ASN A 237 15.59 -3.53 -5.34
CA ASN A 237 16.22 -2.96 -6.52
C ASN A 237 15.96 -1.46 -6.70
N VAL A 238 17.03 -0.72 -6.90
CA VAL A 238 16.92 0.71 -7.14
C VAL A 238 17.47 0.98 -8.54
N VAL A 239 16.60 1.45 -9.44
CA VAL A 239 17.02 1.72 -10.81
C VAL A 239 17.39 3.19 -10.94
N ASN A 240 18.70 3.46 -10.93
CA ASN A 240 19.19 4.82 -11.05
C ASN A 240 19.47 5.12 -12.51
N ASN A 241 18.47 5.69 -13.19
CA ASN A 241 18.61 6.03 -14.60
C ASN A 241 18.98 7.51 -14.71
N GLN A 242 19.48 8.06 -13.60
CA GLN A 242 19.92 9.46 -13.51
C GLN A 242 18.82 10.51 -13.47
N TRP A 243 17.58 10.12 -13.76
CA TRP A 243 16.50 11.10 -13.78
C TRP A 243 15.16 10.60 -13.25
N ALA A 244 14.34 11.56 -12.86
CA ALA A 244 12.99 11.35 -12.37
C ALA A 244 12.26 12.51 -13.04
N ILE A 245 11.70 12.23 -14.21
CA ILE A 245 11.03 13.24 -15.02
C ILE A 245 12.09 14.26 -15.41
N SER A 246 12.02 15.47 -14.88
CA SER A 246 13.02 16.49 -15.24
C SER A 246 14.10 16.67 -14.18
N THR A 247 14.02 15.93 -13.09
CA THR A 247 14.99 16.10 -12.03
C THR A 247 16.18 15.14 -12.02
N PHE A 248 17.39 15.71 -12.05
CA PHE A 248 18.65 14.97 -12.04
C PHE A 248 18.76 14.25 -10.69
N GLN A 249 19.30 13.03 -10.70
CA GLN A 249 19.41 12.23 -9.47
C GLN A 249 20.09 12.92 -8.28
N ALA A 250 20.83 13.99 -8.51
CA ALA A 250 21.50 14.68 -7.41
C ALA A 250 20.48 15.28 -6.44
N ILE A 251 19.34 15.71 -6.97
CA ILE A 251 18.31 16.32 -6.15
C ILE A 251 17.57 15.25 -5.35
N ALA A 252 17.86 13.98 -5.64
CA ALA A 252 17.26 12.87 -4.93
C ALA A 252 18.20 12.51 -3.78
N GLY A 253 19.32 13.21 -3.71
CA GLY A 253 20.29 12.95 -2.66
C GLY A 253 21.49 12.16 -3.17
N GLY A 254 21.64 12.08 -4.50
CA GLY A 254 22.75 11.32 -5.06
C GLY A 254 24.13 11.97 -5.11
N GLU A 255 24.21 13.26 -4.80
CA GLU A 255 25.48 13.98 -4.82
C GLU A 255 26.48 13.47 -3.79
N SER A 256 27.67 13.09 -4.26
CA SER A 256 28.74 12.59 -3.40
C SER A 256 28.40 11.27 -2.71
N THR A 257 27.29 10.66 -3.13
CA THR A 257 26.85 9.41 -2.54
C THR A 257 26.37 8.44 -3.62
N THR A 258 25.89 7.28 -3.18
CA THR A 258 25.35 6.26 -4.08
C THR A 258 24.09 5.75 -3.40
N PHE A 259 23.20 5.13 -4.16
CA PHE A 259 21.98 4.61 -3.57
C PHE A 259 22.23 3.28 -2.88
N ALA A 260 23.22 2.54 -3.34
CA ALA A 260 23.55 1.25 -2.73
C ALA A 260 24.07 1.47 -1.31
N GLY A 261 24.85 2.54 -1.14
CA GLY A 261 25.42 2.84 0.15
C GLY A 261 24.39 3.03 1.24
N ARG A 262 23.14 3.29 0.84
CA ARG A 262 22.08 3.49 1.79
C ARG A 262 21.65 2.17 2.39
N GLY A 263 21.90 1.08 1.66
CA GLY A 263 21.55 -0.23 2.16
C GLY A 263 22.54 -0.62 3.23
N VAL A 264 23.81 -0.28 3.00
CA VAL A 264 24.89 -0.57 3.94
C VAL A 264 24.61 0.12 5.26
N GLY A 265 24.16 1.37 5.19
CA GLY A 265 23.85 2.11 6.40
C GLY A 265 22.68 1.54 7.19
N CYS A 266 21.80 0.81 6.51
CA CYS A 266 20.64 0.22 7.18
C CYS A 266 20.82 -1.28 7.42
N GLY A 267 22.07 -1.74 7.44
CA GLY A 267 22.36 -3.13 7.70
C GLY A 267 22.03 -4.13 6.60
N ILE A 268 21.95 -3.66 5.38
CA ILE A 268 21.64 -4.55 4.26
C ILE A 268 22.81 -4.72 3.29
N ALA A 269 23.10 -5.97 2.93
CA ALA A 269 24.17 -6.24 1.98
C ALA A 269 23.77 -5.50 0.71
N SER A 270 24.67 -4.70 0.15
CA SER A 270 24.36 -3.92 -1.03
C SER A 270 25.31 -4.10 -2.20
N LEU A 271 24.80 -3.86 -3.41
CA LEU A 271 25.57 -4.01 -4.64
C LEU A 271 25.25 -2.91 -5.63
N ARG A 272 26.27 -2.31 -6.23
CA ARG A 272 26.06 -1.28 -7.24
C ARG A 272 26.54 -1.93 -8.53
N VAL A 273 25.59 -2.25 -9.40
CA VAL A 273 25.89 -2.94 -10.66
C VAL A 273 25.62 -2.15 -11.95
N ASP A 274 26.38 -2.48 -12.99
CA ASP A 274 26.22 -1.84 -14.31
C ASP A 274 24.87 -2.36 -14.79
N GLY A 275 23.90 -1.47 -14.92
CA GLY A 275 22.58 -1.87 -15.35
C GLY A 275 22.43 -2.15 -16.83
N ASN A 276 23.43 -1.81 -17.63
CA ASN A 276 23.38 -2.06 -19.07
C ASN A 276 24.32 -3.19 -19.46
N ASP A 277 24.70 -4.01 -18.47
CA ASP A 277 25.57 -5.16 -18.68
C ASP A 277 24.73 -6.36 -18.27
N PHE A 278 24.03 -6.95 -19.24
CA PHE A 278 23.16 -8.08 -18.97
C PHE A 278 23.79 -9.18 -18.13
N VAL A 279 25.00 -9.60 -18.50
CA VAL A 279 25.67 -10.66 -17.77
C VAL A 279 25.78 -10.25 -16.30
N ALA A 280 26.17 -9.00 -16.07
CA ALA A 280 26.32 -8.48 -14.71
C ALA A 280 24.98 -8.45 -13.99
N VAL A 281 23.90 -8.19 -14.73
CA VAL A 281 22.56 -8.11 -14.15
C VAL A 281 22.03 -9.49 -13.79
N TYR A 282 22.36 -10.48 -14.61
CA TYR A 282 21.91 -11.84 -14.34
C TYR A 282 22.71 -12.40 -13.18
N ALA A 283 24.00 -12.15 -13.18
CA ALA A 283 24.88 -12.67 -12.13
C ALA A 283 24.59 -12.07 -10.75
N ALA A 284 24.45 -10.75 -10.69
CA ALA A 284 24.18 -10.07 -9.42
C ALA A 284 22.79 -10.42 -8.90
N SER A 285 21.83 -10.59 -9.82
CA SER A 285 20.48 -10.93 -9.43
C SER A 285 20.45 -12.36 -8.89
N ARG A 286 21.15 -13.25 -9.58
CA ARG A 286 21.21 -14.65 -9.15
C ARG A 286 21.84 -14.70 -7.77
N TRP A 287 22.88 -13.88 -7.59
CA TRP A 287 23.57 -13.81 -6.32
C TRP A 287 22.59 -13.44 -5.20
N ALA A 288 21.81 -12.38 -5.42
CA ALA A 288 20.84 -11.92 -4.43
C ALA A 288 19.67 -12.88 -4.24
N ALA A 289 19.23 -13.53 -5.31
CA ALA A 289 18.14 -14.48 -5.20
C ALA A 289 18.55 -15.60 -4.26
N GLU A 290 19.79 -16.07 -4.43
CA GLU A 290 20.35 -17.15 -3.63
C GLU A 290 20.54 -16.77 -2.14
N ARG A 291 21.00 -15.55 -1.89
CA ARG A 291 21.21 -15.10 -0.52
C ARG A 291 19.87 -15.14 0.20
N ALA A 292 18.86 -14.61 -0.45
CA ALA A 292 17.51 -14.55 0.10
C ALA A 292 16.88 -15.93 0.31
N ARG A 293 16.87 -16.73 -0.75
CA ARG A 293 16.25 -18.05 -0.67
C ARG A 293 16.93 -18.95 0.36
N ARG A 294 18.19 -18.67 0.67
CA ARG A 294 18.92 -19.45 1.66
C ARG A 294 18.67 -18.89 3.05
N GLY A 295 17.86 -17.84 3.13
CA GLY A 295 17.56 -17.25 4.43
C GLY A 295 18.71 -16.44 5.00
N LEU A 296 19.59 -15.96 4.13
CA LEU A 296 20.74 -15.16 4.58
C LEU A 296 20.41 -13.67 4.62
N GLY A 297 19.14 -13.33 4.37
CA GLY A 297 18.72 -11.93 4.44
C GLY A 297 18.50 -11.20 3.11
N PRO A 298 17.93 -10.00 3.16
CA PRO A 298 17.65 -9.18 1.98
C PRO A 298 18.93 -8.67 1.33
N SER A 299 18.78 -8.05 0.17
CA SER A 299 19.90 -7.48 -0.56
C SER A 299 19.39 -6.19 -1.19
N LEU A 300 20.27 -5.21 -1.33
CA LEU A 300 19.91 -3.96 -1.97
C LEU A 300 20.81 -3.83 -3.19
N ILE A 301 20.23 -3.63 -4.37
CA ILE A 301 21.03 -3.50 -5.58
C ILE A 301 20.73 -2.21 -6.32
N GLU A 302 21.76 -1.38 -6.48
CA GLU A 302 21.59 -0.15 -7.23
C GLU A 302 22.01 -0.44 -8.68
N TRP A 303 21.08 -0.24 -9.60
CA TRP A 303 21.36 -0.48 -11.00
C TRP A 303 21.68 0.85 -11.67
N VAL A 304 22.92 1.00 -12.11
CA VAL A 304 23.33 2.22 -12.77
C VAL A 304 23.06 2.14 -14.27
N THR A 305 22.03 2.85 -14.71
CA THR A 305 21.65 2.86 -16.11
C THR A 305 21.37 4.30 -16.52
N TYR A 306 20.59 4.49 -17.58
CA TYR A 306 20.25 5.82 -18.07
C TYR A 306 18.89 5.74 -18.77
N ARG A 307 18.01 6.70 -18.48
CA ARG A 307 16.69 6.72 -19.09
C ARG A 307 16.85 7.34 -20.49
N ALA A 308 17.08 6.48 -21.48
CA ALA A 308 17.29 6.88 -22.87
C ALA A 308 16.21 7.74 -23.51
N GLY A 309 14.95 7.41 -23.26
CA GLY A 309 13.87 8.17 -23.86
C GLY A 309 13.13 9.10 -22.94
N PRO A 310 12.03 9.69 -23.41
CA PRO A 310 11.22 10.60 -22.60
C PRO A 310 10.72 9.90 -21.35
N HIS A 311 10.35 10.69 -20.35
CA HIS A 311 9.84 10.12 -19.12
C HIS A 311 8.56 9.35 -19.49
N SER A 312 7.81 9.91 -20.43
CA SER A 312 6.57 9.31 -20.89
C SER A 312 6.19 9.94 -22.22
N THR A 313 4.96 9.68 -22.67
CA THR A 313 4.50 10.26 -23.93
C THR A 313 4.07 11.71 -23.74
N SER A 314 4.11 12.19 -22.50
CA SER A 314 3.71 13.55 -22.16
C SER A 314 4.91 14.44 -21.81
N ASP A 315 6.10 13.85 -21.85
CA ASP A 315 7.33 14.56 -21.49
C ASP A 315 8.15 15.06 -22.68
N ASP A 316 9.09 15.97 -22.41
CA ASP A 316 9.97 16.50 -23.43
C ASP A 316 11.37 16.76 -22.84
N PRO A 317 12.26 15.76 -22.94
CA PRO A 317 13.63 15.80 -22.43
C PRO A 317 14.46 17.00 -22.93
N SER A 318 14.13 17.48 -24.13
CA SER A 318 14.84 18.60 -24.72
C SER A 318 14.76 19.87 -23.87
N LYS A 319 13.75 19.94 -23.00
CA LYS A 319 13.58 21.11 -22.16
C LYS A 319 14.42 21.13 -20.87
N TYR A 320 15.11 20.03 -20.57
CA TYR A 320 15.92 20.01 -19.35
C TYR A 320 17.27 19.31 -19.39
N ARG A 321 17.52 18.51 -20.43
CA ARG A 321 18.80 17.82 -20.54
C ARG A 321 19.24 17.76 -21.99
N PRO A 322 20.52 17.47 -22.23
CA PRO A 322 21.06 17.38 -23.59
C PRO A 322 20.32 16.31 -24.39
N ALA A 323 20.05 16.58 -25.66
CA ALA A 323 19.34 15.61 -26.49
C ALA A 323 20.29 14.50 -26.93
N ASP A 324 21.58 14.83 -26.93
CA ASP A 324 22.64 13.90 -27.33
C ASP A 324 23.18 13.12 -26.13
N ASP A 325 22.53 13.25 -24.98
CA ASP A 325 22.97 12.61 -23.74
C ASP A 325 23.27 11.11 -23.79
N TRP A 326 22.27 10.29 -24.14
CA TRP A 326 22.49 8.86 -24.18
C TRP A 326 23.70 8.45 -25.01
N SER A 327 24.00 9.25 -26.02
CA SER A 327 25.13 9.00 -26.92
C SER A 327 26.47 9.02 -26.21
N HIS A 328 26.56 9.77 -25.12
CA HIS A 328 27.80 9.88 -24.36
C HIS A 328 27.85 9.06 -23.08
N PHE A 329 26.71 8.47 -22.70
CA PHE A 329 26.66 7.65 -21.49
C PHE A 329 27.74 6.58 -21.55
N PRO A 330 28.64 6.57 -20.55
CA PRO A 330 29.74 5.60 -20.50
C PRO A 330 29.34 4.13 -20.51
N LEU A 331 28.10 3.82 -20.13
CA LEU A 331 27.66 2.43 -20.11
C LEU A 331 26.85 1.97 -21.32
N GLY A 332 26.70 2.85 -22.30
CA GLY A 332 26.00 2.53 -23.53
C GLY A 332 24.61 1.91 -23.60
N ASP A 333 24.42 1.08 -24.63
CA ASP A 333 23.15 0.40 -24.89
C ASP A 333 23.22 -1.08 -24.52
N PRO A 334 22.35 -1.53 -23.61
CA PRO A 334 22.31 -2.92 -23.16
C PRO A 334 22.20 -3.92 -24.31
N ILE A 335 21.36 -3.61 -25.28
CA ILE A 335 21.17 -4.50 -26.43
C ILE A 335 22.40 -4.51 -27.33
N ALA A 336 23.05 -3.37 -27.50
CA ALA A 336 24.25 -3.30 -28.34
C ALA A 336 25.43 -4.05 -27.72
N ARG A 337 25.61 -3.90 -26.41
CA ARG A 337 26.71 -4.55 -25.71
C ARG A 337 26.57 -6.09 -25.60
N LEU A 338 25.36 -6.58 -25.37
CA LEU A 338 25.16 -8.02 -25.29
C LEU A 338 25.37 -8.60 -26.70
N LYS A 339 24.94 -7.84 -27.70
CA LYS A 339 25.07 -8.26 -29.10
C LYS A 339 26.54 -8.46 -29.48
N GLN A 340 27.38 -7.54 -29.06
CA GLN A 340 28.80 -7.58 -29.34
C GLN A 340 29.45 -8.78 -28.65
N HIS A 341 29.16 -8.94 -27.36
CA HIS A 341 29.72 -10.03 -26.57
C HIS A 341 29.21 -11.39 -27.05
N LEU A 342 27.90 -11.47 -27.27
CA LEU A 342 27.28 -12.71 -27.70
C LEU A 342 27.90 -13.21 -29.01
N ILE A 343 28.10 -12.30 -29.95
CA ILE A 343 28.69 -12.64 -31.24
C ILE A 343 30.13 -13.10 -31.09
N LYS A 344 30.89 -12.36 -30.29
CA LYS A 344 32.30 -12.67 -30.09
C LYS A 344 32.56 -14.02 -29.44
N ILE A 345 31.58 -14.56 -28.72
CA ILE A 345 31.78 -15.85 -28.08
C ILE A 345 31.08 -16.97 -28.83
N GLY A 346 30.53 -16.65 -30.00
CA GLY A 346 29.88 -17.64 -30.83
C GLY A 346 28.51 -18.15 -30.42
N HIS A 347 27.60 -17.24 -30.08
CA HIS A 347 26.25 -17.62 -29.69
C HIS A 347 25.21 -16.63 -30.13
N TRP A 348 25.56 -15.86 -31.16
CA TRP A 348 24.66 -14.86 -31.74
C TRP A 348 25.32 -14.38 -33.02
N SER A 349 24.52 -13.84 -33.94
CA SER A 349 25.05 -13.38 -35.22
C SER A 349 24.21 -12.24 -35.75
N GLU A 350 24.79 -11.44 -36.64
CA GLU A 350 24.05 -10.32 -37.24
C GLU A 350 22.76 -10.87 -37.85
N GLU A 351 22.84 -12.10 -38.36
CA GLU A 351 21.70 -12.76 -38.99
C GLU A 351 20.58 -13.03 -38.01
N GLU A 352 20.94 -13.62 -36.87
CA GLU A 352 19.94 -13.92 -35.86
C GLU A 352 19.35 -12.63 -35.32
N HIS A 353 20.20 -11.62 -35.14
CA HIS A 353 19.75 -10.33 -34.62
C HIS A 353 18.61 -9.79 -35.49
N GLN A 354 18.86 -9.68 -36.78
CA GLN A 354 17.84 -9.16 -37.69
C GLN A 354 16.61 -10.06 -37.74
N ALA A 355 16.82 -11.35 -37.91
CA ALA A 355 15.67 -12.27 -37.96
C ALA A 355 14.81 -12.19 -36.71
N THR A 356 15.45 -12.25 -35.54
CA THR A 356 14.71 -12.18 -34.28
C THR A 356 13.98 -10.83 -34.18
N THR A 357 14.63 -9.79 -34.68
CA THR A 357 14.03 -8.45 -34.68
C THR A 357 12.76 -8.49 -35.53
N ALA A 358 12.88 -9.06 -36.73
CA ALA A 358 11.73 -9.13 -37.64
C ALA A 358 10.56 -9.90 -37.05
N GLU A 359 10.81 -10.96 -36.28
CA GLU A 359 9.69 -11.72 -35.72
C GLU A 359 8.94 -11.01 -34.59
N PHE A 360 9.67 -10.25 -33.77
CA PHE A 360 9.01 -9.54 -32.67
C PHE A 360 8.16 -8.40 -33.24
N GLU A 361 8.61 -7.82 -34.35
CA GLU A 361 7.86 -6.77 -35.02
C GLU A 361 6.53 -7.35 -35.53
N ALA A 362 6.60 -8.52 -36.16
CA ALA A 362 5.40 -9.18 -36.69
C ALA A 362 4.51 -9.54 -35.53
N ALA A 363 5.12 -10.12 -34.50
CA ALA A 363 4.39 -10.54 -33.31
C ALA A 363 3.66 -9.35 -32.68
N VAL A 364 4.32 -8.20 -32.65
CA VAL A 364 3.72 -7.01 -32.06
C VAL A 364 2.62 -6.45 -32.96
N ILE A 365 2.88 -6.38 -34.26
CA ILE A 365 1.88 -5.85 -35.16
C ILE A 365 0.64 -6.77 -35.13
N ALA A 366 0.86 -8.08 -35.13
CA ALA A 366 -0.26 -9.03 -35.10
C ALA A 366 -1.03 -8.89 -33.80
N ALA A 367 -0.30 -8.77 -32.69
CA ALA A 367 -0.91 -8.64 -31.38
C ALA A 367 -1.74 -7.35 -31.32
N GLN A 368 -1.16 -6.26 -31.81
CA GLN A 368 -1.87 -4.99 -31.81
C GLN A 368 -3.17 -5.14 -32.62
N LYS A 369 -3.07 -5.75 -33.79
CA LYS A 369 -4.25 -5.97 -34.63
C LYS A 369 -5.24 -6.87 -33.92
N GLU A 370 -4.72 -7.93 -33.28
CA GLU A 370 -5.57 -8.87 -32.55
C GLU A 370 -6.30 -8.14 -31.41
N ALA A 371 -5.58 -7.29 -30.68
CA ALA A 371 -6.15 -6.54 -29.56
C ALA A 371 -7.15 -5.47 -30.01
N GLU A 372 -6.82 -4.73 -31.07
CA GLU A 372 -7.71 -3.69 -31.57
C GLU A 372 -9.08 -4.25 -31.96
N GLN A 373 -9.11 -5.52 -32.35
CA GLN A 373 -10.37 -6.15 -32.72
C GLN A 373 -11.35 -6.15 -31.55
N TYR A 374 -10.90 -5.67 -30.40
CA TYR A 374 -11.77 -5.64 -29.21
C TYR A 374 -12.04 -4.21 -28.78
N GLY A 375 -11.56 -3.25 -29.57
CA GLY A 375 -11.78 -1.85 -29.26
C GLY A 375 -10.58 -0.94 -29.36
N THR A 376 -10.83 0.35 -29.21
CA THR A 376 -9.79 1.38 -29.25
C THR A 376 -10.37 2.58 -28.51
N LEU A 377 -9.75 3.75 -28.66
CA LEU A 377 -10.26 4.95 -28.01
C LEU A 377 -11.37 5.46 -28.91
N ALA A 378 -11.20 5.30 -30.21
CA ALA A 378 -12.20 5.71 -31.19
C ALA A 378 -13.43 4.85 -30.97
N ASN A 379 -13.29 3.56 -31.28
CA ASN A 379 -14.38 2.61 -31.10
C ASN A 379 -14.83 2.69 -29.64
N GLY A 380 -16.10 3.04 -29.44
CA GLY A 380 -16.60 3.13 -28.08
C GLY A 380 -16.60 1.77 -27.41
N HIS A 381 -16.07 0.77 -28.12
CA HIS A 381 -16.00 -0.59 -27.61
C HIS A 381 -15.07 -0.69 -26.40
N ILE A 382 -15.65 -0.62 -25.21
CA ILE A 382 -14.89 -0.69 -23.96
C ILE A 382 -15.66 -1.53 -22.94
N PRO A 383 -15.07 -1.73 -21.74
CA PRO A 383 -15.74 -2.52 -20.70
C PRO A 383 -17.09 -1.89 -20.35
N SER A 384 -18.01 -2.71 -19.83
CA SER A 384 -19.33 -2.22 -19.48
C SER A 384 -19.20 -1.14 -18.41
N ALA A 385 -20.31 -0.46 -18.15
CA ALA A 385 -20.32 0.59 -17.14
C ALA A 385 -20.75 0.00 -15.81
N ALA A 386 -21.39 -1.17 -15.86
CA ALA A 386 -21.84 -1.84 -14.64
C ALA A 386 -20.71 -2.62 -13.98
N SER A 387 -19.67 -2.92 -14.75
CA SER A 387 -18.50 -3.63 -14.24
C SER A 387 -17.66 -2.62 -13.45
N PHE A 389 -18.71 -0.81 -10.98
CA PHE A 389 -19.04 -0.82 -9.55
C PHE A 389 -18.63 -2.13 -8.90
N GLU A 390 -17.98 -3.01 -9.66
CA GLU A 390 -17.56 -4.31 -9.15
C GLU A 390 -16.17 -4.31 -8.53
N ASP A 391 -15.96 -5.23 -7.60
CA ASP A 391 -14.68 -5.41 -6.91
C ASP A 391 -14.20 -4.31 -5.97
N VAL A 392 -15.03 -3.30 -5.72
CA VAL A 392 -14.64 -2.25 -4.78
C VAL A 392 -14.57 -2.95 -3.43
N TYR A 393 -15.50 -3.88 -3.24
CA TYR A 393 -15.59 -4.71 -2.05
C TYR A 393 -15.85 -6.12 -2.59
N LYS A 394 -15.65 -7.15 -1.78
CA LYS A 394 -15.88 -8.50 -2.28
C LYS A 394 -17.30 -8.66 -2.78
N GLU A 395 -18.25 -8.09 -2.03
CA GLU A 395 -19.66 -8.14 -2.37
C GLU A 395 -20.18 -6.72 -2.47
N PRO A 397 -21.78 -3.70 -1.89
CA PRO A 397 -22.62 -3.19 -0.80
C PRO A 397 -23.81 -2.43 -1.36
N ASP A 398 -24.90 -2.44 -0.60
CA ASP A 398 -26.12 -1.77 -1.01
C ASP A 398 -25.93 -0.44 -1.74
N HIS A 399 -25.22 0.51 -1.14
CA HIS A 399 -25.02 1.81 -1.76
C HIS A 399 -24.53 1.77 -3.21
N LEU A 400 -23.70 0.79 -3.53
CA LEU A 400 -23.19 0.67 -4.89
C LEU A 400 -24.28 0.10 -5.79
N ARG A 401 -25.03 -0.87 -5.28
CA ARG A 401 -26.13 -1.47 -6.02
C ARG A 401 -27.04 -0.33 -6.48
N ARG A 402 -27.38 0.55 -5.54
CA ARG A 402 -28.23 1.69 -5.82
C ARG A 402 -27.63 2.52 -6.96
N GLN A 403 -26.36 2.89 -6.80
CA GLN A 403 -25.67 3.69 -7.81
C GLN A 403 -25.58 3.00 -9.17
N ARG A 404 -25.60 1.67 -9.17
CA ARG A 404 -25.53 0.92 -10.41
C ARG A 404 -26.86 1.06 -11.16
N GLN A 405 -27.95 0.81 -10.45
CA GLN A 405 -29.30 0.89 -11.01
C GLN A 405 -29.56 2.32 -11.47
N GLU A 406 -29.04 3.28 -10.71
CA GLU A 406 -29.20 4.69 -11.03
C GLU A 406 -28.38 5.09 -12.24
N LEU A 407 -27.96 4.09 -13.03
CA LEU A 407 -27.16 4.35 -14.21
C LEU A 407 -27.74 3.66 -15.44
N ALA B 1 -18.40 -22.33 27.24
CA ALA B 1 -18.93 -21.62 28.43
C ALA B 1 -18.86 -20.11 28.25
N THR B 2 -18.93 -19.36 29.34
CA THR B 2 -18.88 -17.90 29.29
C THR B 2 -18.08 -17.33 30.46
N THR B 3 -17.47 -16.16 30.22
CA THR B 3 -16.65 -15.48 31.22
C THR B 3 -16.92 -13.98 31.16
N THR B 4 -16.74 -13.28 32.27
CA THR B 4 -16.97 -11.84 32.32
C THR B 4 -15.67 -11.10 31.97
N THR B 6 -13.70 -7.34 30.17
CA THR B 6 -13.74 -5.92 29.87
C THR B 6 -13.55 -5.86 28.36
N ILE B 8 -11.06 -4.63 26.76
CA ILE B 8 -9.68 -5.05 26.57
C ILE B 8 -9.57 -6.56 26.51
N GLN B 9 -10.21 -7.21 27.48
CA GLN B 9 -10.19 -8.66 27.57
C GLN B 9 -10.97 -9.34 26.45
N ALA B 10 -12.02 -8.68 25.98
CA ALA B 10 -12.86 -9.21 24.89
C ALA B 10 -12.06 -9.24 23.60
N LEU B 11 -11.53 -8.07 23.22
CA LEU B 11 -10.73 -7.93 22.01
C LEU B 11 -9.60 -8.96 22.06
N ARG B 12 -8.97 -9.08 23.23
CA ARG B 12 -7.88 -10.03 23.39
C ARG B 12 -8.37 -11.44 23.09
N SER B 13 -9.59 -11.74 23.50
CA SER B 13 -10.15 -13.07 23.28
C SER B 13 -10.38 -13.30 21.78
N ALA B 14 -10.94 -12.30 21.10
CA ALA B 14 -11.19 -12.41 19.67
C ALA B 14 -9.92 -12.80 18.93
N ASP B 16 -7.29 -14.08 20.14
CA ASP B 16 -6.86 -15.39 20.61
C ASP B 16 -7.63 -16.49 19.87
N VAL B 17 -8.91 -16.24 19.60
CA VAL B 17 -9.75 -17.19 18.91
C VAL B 17 -9.32 -17.34 17.45
N LEU B 19 -6.45 -16.29 15.99
CA LEU B 19 -5.06 -16.70 15.88
C LEU B 19 -5.02 -18.23 15.96
N GLU B 20 -6.01 -18.79 16.62
CA GLU B 20 -6.13 -20.24 16.80
C GLU B 20 -6.98 -20.89 15.70
N ARG B 21 -7.93 -20.12 15.18
CA ARG B 21 -8.84 -20.62 14.17
C ARG B 21 -8.28 -20.58 12.75
N ASP B 22 -7.49 -19.55 12.44
CA ASP B 22 -6.91 -19.40 11.10
C ASP B 22 -5.39 -19.27 11.12
N ASP B 23 -4.70 -20.27 10.60
CA ASP B 23 -3.23 -20.28 10.54
C ASP B 23 -2.69 -19.05 9.82
N ASN B 24 -3.54 -18.42 9.02
CA ASN B 24 -3.15 -17.24 8.25
C ASN B 24 -3.27 -15.94 9.02
N VAL B 25 -3.80 -16.00 10.24
CA VAL B 25 -3.96 -14.80 11.04
C VAL B 25 -2.66 -14.40 11.72
N VAL B 26 -2.32 -13.13 11.59
CA VAL B 26 -1.11 -12.59 12.19
C VAL B 26 -1.42 -11.29 12.93
N VAL B 27 -0.69 -11.07 14.03
CA VAL B 27 -0.88 -9.88 14.84
C VAL B 27 0.45 -9.21 15.09
N TYR B 28 0.51 -7.91 14.83
CA TYR B 28 1.75 -7.17 15.07
C TYR B 28 1.52 -5.66 15.06
N GLY B 29 2.42 -4.95 15.72
CA GLY B 29 2.32 -3.51 15.81
C GLY B 29 3.27 -3.06 16.89
N GLN B 30 3.27 -1.78 17.20
CA GLN B 30 4.17 -1.27 18.23
C GLN B 30 3.84 -1.77 19.63
N ASP B 31 4.80 -2.45 20.25
CA ASP B 31 4.65 -2.96 21.62
C ASP B 31 3.59 -4.05 21.79
N VAL B 32 3.05 -4.53 20.68
CA VAL B 32 2.03 -5.58 20.70
C VAL B 32 2.55 -6.96 21.15
N GLY B 33 3.84 -7.20 20.91
CA GLY B 33 4.44 -8.49 21.25
C GLY B 33 4.65 -8.87 22.69
N TYR B 34 5.92 -8.98 23.07
CA TYR B 34 6.29 -9.36 24.43
C TYR B 34 5.53 -8.62 25.51
N PHE B 35 5.48 -7.29 25.38
CA PHE B 35 4.79 -6.44 26.34
C PHE B 35 3.31 -6.72 26.38
N GLY B 36 2.71 -6.96 25.22
CA GLY B 36 1.29 -7.25 25.16
C GLY B 36 0.43 -6.04 24.82
N GLY B 37 1.08 -4.95 24.41
CA GLY B 37 0.35 -3.75 24.03
C GLY B 37 0.29 -2.72 25.15
N VAL B 38 0.28 -1.43 24.78
CA VAL B 38 0.22 -0.37 25.79
C VAL B 38 -1.13 -0.38 26.50
N PHE B 39 -2.08 -1.16 26.00
CA PHE B 39 -3.40 -1.27 26.61
C PHE B 39 -3.70 -2.70 27.07
N ARG B 40 -2.70 -3.56 27.00
CA ARG B 40 -2.82 -4.96 27.40
C ARG B 40 -3.69 -5.81 26.47
N CYS B 41 -4.18 -5.21 25.38
CA CYS B 41 -5.05 -5.91 24.43
C CYS B 41 -4.49 -7.17 23.74
N THR B 42 -3.19 -7.39 23.83
CA THR B 42 -2.60 -8.57 23.19
C THR B 42 -1.76 -9.39 24.15
N GLU B 43 -2.09 -9.31 25.44
CA GLU B 43 -1.36 -10.02 26.47
C GLU B 43 -1.26 -11.54 26.30
N GLY B 44 -0.04 -12.05 26.46
CA GLY B 44 0.20 -13.48 26.35
C GLY B 44 0.01 -14.09 24.98
N LEU B 45 -0.50 -13.33 24.02
CA LEU B 45 -0.72 -13.85 22.67
C LEU B 45 0.57 -14.35 22.02
N GLN B 46 1.68 -13.67 22.27
CA GLN B 46 2.96 -14.06 21.70
C GLN B 46 3.52 -15.27 22.41
N THR B 47 3.34 -15.30 23.73
CA THR B 47 3.83 -16.41 24.54
C THR B 47 3.12 -17.69 24.13
N LYS B 48 1.85 -17.59 23.78
CA LYS B 48 1.06 -18.74 23.40
C LYS B 48 1.20 -19.19 21.94
N TYR B 49 1.35 -18.24 21.01
CA TYR B 49 1.47 -18.58 19.61
C TYR B 49 2.82 -18.37 18.94
N GLY B 50 3.75 -17.74 19.64
CA GLY B 50 5.08 -17.54 19.09
C GLY B 50 5.35 -16.22 18.38
N LYS B 51 6.64 -15.91 18.25
CA LYS B 51 7.10 -14.68 17.60
C LYS B 51 6.60 -14.54 16.17
N SER B 52 6.58 -15.65 15.44
CA SER B 52 6.14 -15.62 14.05
C SER B 52 4.67 -15.27 13.83
N ARG B 53 3.87 -15.36 14.89
CA ARG B 53 2.43 -15.06 14.80
C ARG B 53 2.07 -13.70 15.38
N VAL B 54 2.67 -13.37 16.52
CA VAL B 54 2.43 -12.12 17.22
C VAL B 54 3.79 -11.51 17.52
N PHE B 55 4.06 -10.30 17.02
CA PHE B 55 5.36 -9.71 17.28
C PHE B 55 5.39 -8.19 17.31
N ASP B 56 6.46 -7.65 17.90
CA ASP B 56 6.64 -6.21 18.00
C ASP B 56 7.11 -5.65 16.66
N ALA B 57 6.74 -4.41 16.34
CA ALA B 57 7.14 -3.80 15.08
C ALA B 57 7.79 -2.43 15.30
N PRO B 58 8.59 -1.97 14.32
CA PRO B 58 9.27 -0.67 14.41
C PRO B 58 8.21 0.41 14.45
N ILE B 59 8.57 1.61 14.91
CA ILE B 59 7.61 2.70 14.96
C ILE B 59 7.40 3.27 13.55
N SER B 60 6.65 2.56 12.74
CA SER B 60 6.36 3.01 11.38
C SER B 60 4.96 2.56 11.01
N GLU B 61 4.03 3.50 10.98
CA GLU B 61 2.65 3.18 10.63
C GLU B 61 2.58 2.70 9.17
N SER B 62 3.08 3.51 8.24
CA SER B 62 3.08 3.15 6.83
C SER B 62 3.75 1.81 6.60
N GLY B 63 4.80 1.53 7.37
CA GLY B 63 5.50 0.27 7.23
C GLY B 63 4.70 -0.89 7.74
N ILE B 64 3.94 -0.62 8.80
CA ILE B 64 3.09 -1.62 9.42
C ILE B 64 1.94 -2.02 8.47
N VAL B 65 1.28 -1.03 7.89
CA VAL B 65 0.16 -1.27 6.97
C VAL B 65 0.69 -1.78 5.61
N GLY B 66 1.77 -1.17 5.13
CA GLY B 66 2.36 -1.55 3.87
C GLY B 66 2.78 -3.01 3.81
N THR B 67 3.57 -3.46 4.77
CA THR B 67 4.00 -4.85 4.79
C THR B 67 2.77 -5.76 4.95
N ALA B 68 1.76 -5.27 5.68
CA ALA B 68 0.55 -6.05 5.87
C ALA B 68 -0.15 -6.25 4.53
N VAL B 69 -0.17 -5.20 3.71
CA VAL B 69 -0.79 -5.30 2.39
C VAL B 69 -0.06 -6.36 1.58
N GLY B 70 1.26 -6.30 1.58
CA GLY B 70 2.05 -7.28 0.85
C GLY B 70 1.80 -8.67 1.42
N GLY B 72 -1.01 -9.73 2.77
CA GLY B 72 -2.31 -10.18 2.31
C GLY B 72 -2.21 -10.64 0.86
N ALA B 73 -1.38 -9.95 0.08
CA ALA B 73 -1.18 -10.31 -1.32
C ALA B 73 -0.66 -11.75 -1.39
N TYR B 74 0.20 -12.10 -0.46
CA TYR B 74 0.76 -13.45 -0.42
C TYR B 74 -0.36 -14.42 -0.07
N GLY B 75 -1.20 -14.03 0.89
CA GLY B 75 -2.30 -14.88 1.31
C GLY B 75 -2.54 -14.93 2.80
N LEU B 76 -1.97 -13.98 3.53
CA LEU B 76 -2.16 -13.95 4.98
C LEU B 76 -3.30 -13.02 5.40
N ARG B 77 -3.75 -13.15 6.64
CA ARG B 77 -4.84 -12.33 7.17
C ARG B 77 -4.27 -11.53 8.35
N PRO B 78 -3.68 -10.37 8.06
CA PRO B 78 -3.05 -9.48 9.03
C PRO B 78 -3.98 -8.63 9.88
N VAL B 79 -3.84 -8.76 11.20
CA VAL B 79 -4.62 -7.96 12.15
C VAL B 79 -3.53 -7.07 12.74
N VAL B 80 -3.48 -5.83 12.29
CA VAL B 80 -2.45 -4.92 12.75
C VAL B 80 -2.97 -3.75 13.59
N GLU B 81 -2.13 -3.27 14.51
CA GLU B 81 -2.49 -2.17 15.40
C GLU B 81 -1.73 -0.86 15.19
N ILE B 82 -2.38 0.21 15.61
CA ILE B 82 -1.83 1.55 15.56
C ILE B 82 -2.14 2.11 16.96
N GLN B 83 -1.13 2.11 17.84
CA GLN B 83 -1.28 2.55 19.23
C GLN B 83 -2.40 3.54 19.50
N PHE B 84 -2.48 4.59 18.68
CA PHE B 84 -3.52 5.60 18.82
C PHE B 84 -3.99 6.01 17.44
N ALA B 85 -5.30 6.16 17.29
CA ALA B 85 -5.88 6.55 16.02
C ALA B 85 -5.26 7.88 15.56
N ASP B 86 -4.83 8.68 16.52
CA ASP B 86 -4.22 9.98 16.25
C ASP B 86 -2.96 9.80 15.41
N TYR B 87 -2.38 8.61 15.43
CA TYR B 87 -1.15 8.36 14.69
C TYR B 87 -1.29 7.52 13.42
N PHE B 88 -2.47 7.51 12.80
CA PHE B 88 -2.67 6.72 11.60
C PHE B 88 -2.16 7.48 10.37
N TYR B 89 -2.18 8.80 10.44
CA TYR B 89 -1.76 9.65 9.31
C TYR B 89 -0.56 9.20 8.49
N PRO B 90 0.54 8.78 9.15
CA PRO B 90 1.72 8.34 8.38
C PRO B 90 1.38 7.18 7.44
N ALA B 91 0.30 6.46 7.74
CA ALA B 91 -0.11 5.31 6.94
C ALA B 91 -1.26 5.64 5.99
N SER B 92 -1.56 6.92 5.85
CA SER B 92 -2.64 7.39 4.98
C SER B 92 -2.52 6.84 3.56
N ASP B 93 -1.39 7.07 2.92
CA ASP B 93 -1.16 6.63 1.55
C ASP B 93 -1.39 5.13 1.38
N GLN B 94 -0.77 4.32 2.24
CA GLN B 94 -0.93 2.87 2.15
C GLN B 94 -2.38 2.45 2.39
N ILE B 95 -3.08 3.19 3.22
CA ILE B 95 -4.46 2.85 3.52
C ILE B 95 -5.41 3.18 2.38
N VAL B 96 -5.34 4.43 1.91
CA VAL B 96 -6.20 4.90 0.83
C VAL B 96 -5.75 4.45 -0.55
N SER B 97 -4.51 4.79 -0.91
CA SER B 97 -3.95 4.47 -2.21
C SER B 97 -3.69 3.00 -2.49
N GLU B 98 -3.55 2.18 -1.45
CA GLU B 98 -3.24 0.78 -1.67
C GLU B 98 -4.27 -0.22 -1.15
N ALA B 100 -7.26 -0.07 0.15
CA ALA B 100 -8.64 0.08 -0.31
C ALA B 100 -8.88 -0.32 -1.76
N ARG B 101 -7.99 0.12 -2.64
CA ARG B 101 -8.10 -0.13 -4.07
C ARG B 101 -7.40 -1.38 -4.59
N LEU B 102 -6.89 -2.21 -3.69
CA LEU B 102 -6.19 -3.41 -4.10
C LEU B 102 -7.08 -4.35 -4.92
N ARG B 103 -8.25 -4.69 -4.39
CA ARG B 103 -9.15 -5.59 -5.09
C ARG B 103 -9.66 -5.02 -6.41
N TYR B 104 -10.06 -3.76 -6.39
CA TYR B 104 -10.59 -3.10 -7.57
C TYR B 104 -9.59 -3.03 -8.73
N ARG B 105 -8.48 -2.33 -8.52
CA ARG B 105 -7.46 -2.16 -9.55
C ARG B 105 -6.80 -3.43 -10.07
N SER B 106 -6.99 -4.55 -9.38
CA SER B 106 -6.38 -5.81 -9.81
C SER B 106 -7.44 -6.78 -10.32
N ALA B 107 -8.69 -6.33 -10.30
CA ALA B 107 -9.81 -7.15 -10.75
C ALA B 107 -9.89 -8.46 -9.97
N GLY B 108 -9.61 -8.37 -8.67
CA GLY B 108 -9.68 -9.54 -7.82
C GLY B 108 -8.45 -10.43 -7.71
N GLU B 109 -7.42 -10.19 -8.52
CA GLU B 109 -6.21 -11.00 -8.46
C GLU B 109 -5.57 -10.94 -7.07
N PHE B 110 -5.41 -9.74 -6.54
CA PHE B 110 -4.84 -9.56 -5.20
C PHE B 110 -5.86 -8.91 -4.28
N ILE B 111 -5.90 -9.35 -3.02
CA ILE B 111 -6.84 -8.80 -2.05
C ILE B 111 -6.19 -8.38 -0.73
N ALA B 112 -6.86 -7.47 -0.03
CA ALA B 112 -6.37 -6.97 1.25
C ALA B 112 -7.29 -7.34 2.40
N PRO B 113 -7.28 -8.61 2.81
CA PRO B 113 -8.13 -9.02 3.93
C PRO B 113 -7.50 -8.59 5.26
N LEU B 114 -7.20 -7.29 5.36
CA LEU B 114 -6.56 -6.76 6.56
C LEU B 114 -7.52 -6.10 7.54
N THR B 115 -7.08 -6.04 8.80
CA THR B 115 -7.84 -5.41 9.87
C THR B 115 -6.87 -4.51 10.63
N LEU B 116 -7.23 -3.23 10.75
CA LEU B 116 -6.40 -2.25 11.46
C LEU B 116 -7.11 -1.76 12.72
N ARG B 117 -6.64 -2.18 13.89
CA ARG B 117 -7.25 -1.74 15.15
C ARG B 117 -6.60 -0.43 15.60
N PRO B 119 -7.05 2.56 18.72
CA PRO B 119 -7.79 3.12 19.85
C PRO B 119 -8.18 4.56 19.51
N CYS B 120 -9.42 4.93 19.78
CA CYS B 120 -9.90 6.27 19.48
C CYS B 120 -10.71 6.85 20.63
N GLY B 121 -11.29 8.03 20.40
CA GLY B 121 -12.12 8.67 21.39
C GLY B 121 -11.42 9.49 22.46
N GLY B 122 -12.16 10.43 23.04
CA GLY B 122 -11.61 11.28 24.08
C GLY B 122 -12.19 11.03 25.47
N GLY B 123 -12.36 12.11 26.23
CA GLY B 123 -12.90 12.00 27.57
C GLY B 123 -11.92 11.39 28.56
N ILE B 124 -10.62 11.57 28.33
CA ILE B 124 -9.62 11.01 29.24
C ILE B 124 -8.42 11.94 29.45
N TYR B 125 -8.58 13.22 29.13
CA TYR B 125 -7.49 14.18 29.28
C TYR B 125 -6.32 13.76 28.39
N GLY B 126 -6.65 13.21 27.23
CA GLY B 126 -5.64 12.76 26.30
C GLY B 126 -4.92 13.89 25.57
N GLY B 127 -5.68 14.92 25.18
CA GLY B 127 -5.07 16.04 24.49
C GLY B 127 -5.35 15.97 22.99
N GLN B 128 -4.57 16.72 22.21
CA GLN B 128 -4.73 16.77 20.77
C GLN B 128 -4.35 15.48 20.01
N THR B 129 -3.30 14.81 20.43
CA THR B 129 -2.88 13.59 19.74
C THR B 129 -3.14 12.34 20.55
N HIS B 130 -4.00 12.44 21.57
CA HIS B 130 -4.31 11.28 22.40
C HIS B 130 -5.79 10.93 22.47
N SER B 131 -6.63 11.64 21.70
CA SER B 131 -8.04 11.35 21.77
C SER B 131 -8.94 11.85 20.63
N GLN B 132 -8.46 11.82 19.41
CA GLN B 132 -9.32 12.28 18.31
C GLN B 132 -10.13 11.11 17.75
N SER B 133 -11.06 11.44 16.86
CA SER B 133 -11.94 10.44 16.24
C SER B 133 -11.89 10.68 14.75
N PRO B 134 -10.98 10.01 14.06
CA PRO B 134 -10.77 10.12 12.61
C PRO B 134 -11.69 9.28 11.72
N GLU B 135 -12.79 8.78 12.25
CA GLU B 135 -13.69 7.94 11.44
C GLU B 135 -14.03 8.55 10.09
N ALA B 136 -14.20 9.87 10.05
CA ALA B 136 -14.54 10.59 8.81
C ALA B 136 -13.45 10.58 7.75
N PHE B 138 -11.86 7.83 7.04
CA PHE B 138 -11.97 6.49 6.48
C PHE B 138 -13.27 6.20 5.72
N THR B 139 -14.40 6.54 6.32
CA THR B 139 -15.67 6.27 5.67
C THR B 139 -15.81 6.88 4.28
N GLN B 140 -15.08 7.95 4.00
CA GLN B 140 -15.13 8.60 2.68
C GLN B 140 -14.19 7.89 1.69
N VAL B 141 -13.62 6.77 2.11
CA VAL B 141 -12.70 6.02 1.28
C VAL B 141 -13.38 4.81 0.67
N CYS B 142 -13.60 4.87 -0.64
CA CYS B 142 -14.23 3.79 -1.34
C CYS B 142 -13.35 2.55 -1.29
N GLY B 143 -13.82 1.52 -0.59
CA GLY B 143 -13.07 0.29 -0.49
C GLY B 143 -12.82 -0.14 0.95
N LEU B 144 -13.08 0.76 1.88
CA LEU B 144 -12.88 0.44 3.29
C LEU B 144 -14.17 0.07 4.00
N ARG B 145 -14.02 -0.51 5.18
CA ARG B 145 -15.13 -0.91 6.01
C ARG B 145 -14.76 -0.43 7.41
N THR B 146 -15.50 0.57 7.91
CA THR B 146 -15.26 1.14 9.23
C THR B 146 -16.22 0.58 10.29
N VAL B 147 -15.66 0.07 11.38
CA VAL B 147 -16.43 -0.51 12.48
C VAL B 147 -16.00 0.05 13.84
N PRO B 149 -17.14 -0.78 18.08
CA PRO B 149 -18.02 -1.40 19.08
C PRO B 149 -18.36 -0.46 20.22
N SER B 150 -19.16 -0.93 21.18
CA SER B 150 -19.54 -0.11 22.33
C SER B 150 -19.62 -0.92 23.62
N ASN B 151 -19.28 -2.21 23.54
CA ASN B 151 -19.30 -3.06 24.73
C ASN B 151 -18.55 -4.37 24.50
N PRO B 152 -18.08 -5.01 25.58
CA PRO B 152 -17.34 -6.27 25.49
C PRO B 152 -17.89 -7.28 24.49
N TYR B 153 -19.15 -7.69 24.67
CA TYR B 153 -19.75 -8.67 23.77
C TYR B 153 -19.59 -8.27 22.31
N ASP B 154 -20.07 -7.08 21.96
CA ASP B 154 -19.98 -6.59 20.59
C ASP B 154 -18.53 -6.45 20.15
N ALA B 155 -17.66 -6.01 21.06
CA ALA B 155 -16.24 -5.83 20.74
C ALA B 155 -15.61 -7.11 20.20
N LYS B 156 -15.92 -8.25 20.80
CA LYS B 156 -15.35 -9.51 20.35
C LYS B 156 -15.97 -9.96 19.03
N GLY B 157 -17.29 -9.98 18.98
CA GLY B 157 -17.99 -10.41 17.78
C GLY B 157 -17.63 -9.60 16.55
N LEU B 158 -17.66 -8.29 16.67
CA LEU B 158 -17.33 -7.44 15.53
C LEU B 158 -15.87 -7.55 15.13
N LEU B 159 -14.99 -7.94 16.06
CA LEU B 159 -13.59 -8.06 15.70
C LEU B 159 -13.42 -9.37 14.94
N ILE B 160 -13.95 -10.44 15.50
CA ILE B 160 -13.87 -11.75 14.85
C ILE B 160 -14.52 -11.66 13.47
N ALA B 161 -15.60 -10.89 13.38
CA ALA B 161 -16.31 -10.72 12.12
C ALA B 161 -15.49 -9.83 11.19
N SER B 162 -14.92 -8.76 11.75
CA SER B 162 -14.12 -7.83 10.96
C SER B 162 -12.89 -8.53 10.42
N ILE B 163 -12.30 -9.41 11.22
CA ILE B 163 -11.11 -10.14 10.81
C ILE B 163 -11.38 -11.06 9.62
N GLU B 164 -12.47 -11.82 9.71
CA GLU B 164 -12.83 -12.76 8.65
C GLU B 164 -13.32 -12.11 7.36
N CYS B 165 -13.85 -10.90 7.46
CA CYS B 165 -14.32 -10.20 6.27
C CYS B 165 -13.13 -10.15 5.32
N ASP B 166 -13.38 -10.28 4.03
CA ASP B 166 -12.30 -10.23 3.03
C ASP B 166 -12.01 -8.80 2.56
N ASP B 167 -12.65 -7.83 3.19
CA ASP B 167 -12.44 -6.43 2.84
C ASP B 167 -11.62 -5.77 3.92
N PRO B 168 -10.81 -4.78 3.55
CA PRO B 168 -9.98 -4.10 4.56
C PRO B 168 -10.86 -3.46 5.61
N VAL B 169 -10.63 -3.78 6.87
CA VAL B 169 -11.44 -3.22 7.95
C VAL B 169 -10.71 -2.31 8.94
N ILE B 170 -11.22 -1.09 9.10
CA ILE B 170 -10.64 -0.15 10.06
C ILE B 170 -11.43 -0.32 11.35
N PHE B 171 -10.88 -1.09 12.29
CA PHE B 171 -11.55 -1.36 13.56
C PHE B 171 -11.22 -0.35 14.67
N LEU B 172 -12.10 0.64 14.85
CA LEU B 172 -11.92 1.67 15.87
C LEU B 172 -12.30 1.14 17.26
N GLU B 173 -11.44 1.37 18.24
CA GLU B 173 -11.72 0.90 19.61
C GLU B 173 -11.70 2.09 20.58
N PRO B 174 -12.85 2.43 21.18
CA PRO B 174 -12.97 3.54 22.13
C PRO B 174 -12.21 3.24 23.42
N LYS B 175 -11.07 3.89 23.61
CA LYS B 175 -10.25 3.66 24.81
C LYS B 175 -11.02 4.02 26.08
N ARG B 176 -11.92 4.99 25.95
CA ARG B 176 -12.76 5.44 27.05
C ARG B 176 -13.59 4.27 27.61
N LEU B 177 -13.98 3.34 26.73
CA LEU B 177 -14.79 2.19 27.13
C LEU B 177 -14.00 0.92 27.36
N TYR B 178 -12.68 1.03 27.37
CA TYR B 178 -11.81 -0.13 27.58
C TYR B 178 -11.98 -0.82 28.93
N ASN B 179 -12.09 -0.04 30.01
CA ASN B 179 -12.22 -0.58 31.35
C ASN B 179 -13.65 -0.71 31.86
N GLY B 180 -14.53 0.14 31.33
CA GLY B 180 -15.93 0.10 31.73
C GLY B 180 -16.73 1.13 30.97
N PRO B 181 -18.07 1.09 31.06
CA PRO B 181 -18.93 2.05 30.37
C PRO B 181 -18.72 3.46 30.90
N PHE B 182 -19.04 4.45 30.07
CA PHE B 182 -18.89 5.84 30.46
C PHE B 182 -20.01 6.64 29.87
N ASP B 183 -20.79 7.28 30.74
CA ASP B 183 -21.93 8.08 30.32
C ASP B 183 -21.57 9.55 30.09
N GLY B 184 -20.42 9.97 30.62
CA GLY B 184 -20.00 11.34 30.46
C GLY B 184 -19.92 12.08 31.78
N HIS B 185 -20.24 11.38 32.86
CA HIS B 185 -20.20 11.98 34.20
C HIS B 185 -18.86 11.72 34.87
N HIS B 186 -18.03 12.75 34.94
CA HIS B 186 -16.71 12.66 35.56
C HIS B 186 -16.77 12.79 37.08
N ASP B 187 -17.89 13.31 37.58
CA ASP B 187 -18.07 13.49 39.01
C ASP B 187 -18.27 12.12 39.64
N ARG B 188 -19.16 11.35 39.03
CA ARG B 188 -19.46 9.99 39.50
C ARG B 188 -18.37 9.06 39.01
N PRO B 189 -17.42 8.69 39.89
CA PRO B 189 -16.35 7.78 39.45
C PRO B 189 -16.93 6.64 38.62
N VAL B 190 -16.22 6.24 37.57
CA VAL B 190 -16.69 5.18 36.68
C VAL B 190 -16.54 3.77 37.24
N THR B 191 -17.45 2.90 36.81
CA THR B 191 -17.47 1.51 37.24
C THR B 191 -16.93 0.56 36.17
N PRO B 192 -16.52 -0.66 36.55
CA PRO B 192 -15.98 -1.65 35.61
C PRO B 192 -17.06 -2.15 34.65
N TRP B 193 -16.80 -3.32 34.05
CA TRP B 193 -17.76 -3.92 33.12
C TRP B 193 -18.53 -5.04 33.80
N SER B 194 -17.91 -5.67 34.80
CA SER B 194 -18.54 -6.76 35.52
C SER B 194 -19.81 -6.34 36.28
N LYS B 195 -20.04 -5.03 36.38
CA LYS B 195 -21.22 -4.53 37.07
C LYS B 195 -22.14 -3.79 36.11
N HIS B 196 -22.13 -4.22 34.85
CA HIS B 196 -22.98 -3.60 33.82
C HIS B 196 -23.42 -4.57 32.74
N PRO B 197 -24.46 -4.21 31.98
CA PRO B 197 -24.98 -5.06 30.91
C PRO B 197 -24.00 -5.27 29.76
N HIS B 198 -24.03 -6.46 29.18
CA HIS B 198 -23.19 -6.83 28.05
C HIS B 198 -21.71 -7.08 28.35
N SER B 199 -21.41 -7.66 29.52
CA SER B 199 -20.02 -7.95 29.85
C SER B 199 -19.87 -9.47 29.86
N ALA B 200 -20.95 -10.15 29.51
CA ALA B 200 -20.96 -11.60 29.44
C ALA B 200 -20.49 -11.99 28.05
N VAL B 201 -19.26 -12.47 27.96
CA VAL B 201 -18.69 -12.85 26.66
C VAL B 201 -18.32 -14.32 26.57
N PRO B 202 -18.79 -14.99 25.51
CA PRO B 202 -18.52 -16.41 25.25
C PRO B 202 -17.02 -16.64 25.12
N ASP B 203 -16.53 -17.75 25.66
CA ASP B 203 -15.11 -18.09 25.60
C ASP B 203 -14.58 -18.46 24.21
N GLY B 204 -15.42 -19.12 23.41
CA GLY B 204 -15.00 -19.54 22.08
C GLY B 204 -15.37 -18.61 20.94
N TYR B 205 -15.51 -19.19 19.75
CA TYR B 205 -15.86 -18.45 18.54
C TYR B 205 -17.33 -18.04 18.42
N TYR B 206 -17.56 -16.85 17.89
CA TYR B 206 -18.91 -16.32 17.66
C TYR B 206 -18.76 -14.98 16.96
N THR B 207 -19.81 -14.51 16.30
CA THR B 207 -19.71 -13.24 15.61
C THR B 207 -20.91 -12.33 15.80
N VAL B 208 -20.75 -11.11 15.31
CA VAL B 208 -21.77 -10.08 15.37
C VAL B 208 -21.75 -9.45 13.99
N PRO B 209 -22.70 -9.85 13.13
CA PRO B 209 -22.81 -9.37 11.76
C PRO B 209 -22.54 -7.88 11.54
N LEU B 210 -21.77 -7.60 10.50
CA LEU B 210 -21.44 -6.23 10.13
C LEU B 210 -22.68 -5.70 9.42
N ASP B 211 -22.62 -4.46 8.97
CA ASP B 211 -23.74 -3.84 8.26
C ASP B 211 -25.05 -3.90 9.05
N LYS B 212 -24.97 -4.25 10.33
CA LYS B 212 -26.17 -4.32 11.16
C LYS B 212 -26.10 -3.47 12.42
N ALA B 213 -26.87 -2.39 12.44
CA ALA B 213 -26.91 -1.49 13.58
C ALA B 213 -27.55 -2.19 14.78
N ALA B 214 -27.95 -1.41 15.79
CA ALA B 214 -28.57 -1.98 16.97
C ALA B 214 -29.24 -0.91 17.82
N ILE B 215 -30.49 -1.16 18.21
CA ILE B 215 -31.25 -0.24 19.04
C ILE B 215 -30.84 -0.46 20.50
N THR B 216 -30.40 0.59 21.17
CA THR B 216 -29.98 0.49 22.56
C THR B 216 -31.13 0.84 23.49
N ARG B 217 -31.87 1.89 23.15
CA ARG B 217 -33.01 2.30 23.95
C ARG B 217 -34.23 2.57 23.07
N PRO B 218 -35.13 1.57 22.95
CA PRO B 218 -36.35 1.66 22.13
C PRO B 218 -37.12 2.91 22.49
N GLY B 219 -37.45 3.70 21.49
CA GLY B 219 -38.19 4.93 21.73
C GLY B 219 -39.08 5.27 20.57
N ASN B 220 -39.96 6.25 20.78
CA ASN B 220 -40.89 6.68 19.74
C ASN B 220 -40.78 8.18 19.52
N ASP B 221 -40.14 8.85 20.47
CA ASP B 221 -39.95 10.31 20.41
C ASP B 221 -38.94 10.77 19.36
N VAL B 222 -37.67 10.42 19.54
CA VAL B 222 -36.62 10.81 18.60
C VAL B 222 -35.64 9.70 18.31
N SER B 223 -35.12 9.67 17.09
CA SER B 223 -34.13 8.69 16.68
C SER B 223 -32.74 9.25 17.00
N VAL B 224 -31.95 8.48 17.74
CA VAL B 224 -30.59 8.91 18.11
C VAL B 224 -29.54 8.05 17.41
N LEU B 225 -28.86 8.64 16.43
CA LEU B 225 -27.84 7.94 15.68
C LEU B 225 -26.45 8.15 16.29
N THR B 226 -25.83 7.09 16.78
CA THR B 226 -24.53 7.21 17.41
C THR B 226 -23.71 5.92 17.41
N TYR B 227 -22.55 5.98 18.08
CA TYR B 227 -21.65 4.84 18.18
C TYR B 227 -20.52 5.14 19.16
N GLY B 228 -19.97 4.11 19.76
CA GLY B 228 -18.87 4.32 20.69
C GLY B 228 -19.29 4.76 22.08
N THR B 229 -18.58 5.73 22.63
CA THR B 229 -18.85 6.25 23.96
C THR B 229 -20.16 7.04 24.04
N THR B 230 -20.50 7.73 22.95
CA THR B 230 -21.72 8.53 22.93
C THR B 230 -22.98 7.67 22.95
N VAL B 231 -22.81 6.35 22.93
CA VAL B 231 -23.95 5.45 22.97
C VAL B 231 -24.51 5.53 24.39
N TYR B 232 -23.62 5.38 25.36
CA TYR B 232 -23.99 5.44 26.76
C TYR B 232 -24.33 6.87 27.19
N VAL B 233 -23.92 7.84 26.39
CA VAL B 233 -24.19 9.24 26.69
C VAL B 233 -25.59 9.60 26.20
N ALA B 234 -26.02 8.92 25.13
CA ALA B 234 -27.34 9.15 24.59
C ALA B 234 -28.38 8.49 25.49
N GLN B 235 -28.04 7.32 26.01
CA GLN B 235 -28.94 6.59 26.89
C GLN B 235 -29.25 7.41 28.14
N VAL B 236 -28.20 7.86 28.83
CA VAL B 236 -28.36 8.66 30.03
C VAL B 236 -28.99 10.01 29.73
N ALA B 237 -28.53 10.66 28.68
CA ALA B 237 -29.05 11.96 28.30
C ALA B 237 -30.56 11.85 28.03
N ALA B 238 -30.98 10.72 27.50
CA ALA B 238 -32.39 10.50 27.21
C ALA B 238 -33.18 10.39 28.51
N GLU B 239 -32.57 9.71 29.48
CA GLU B 239 -33.19 9.51 30.78
C GLU B 239 -33.29 10.82 31.57
N GLU B 240 -32.36 11.74 31.32
CA GLU B 240 -32.36 13.04 31.99
C GLU B 240 -33.38 13.97 31.36
N SER B 241 -33.47 13.94 30.04
CA SER B 241 -34.43 14.78 29.31
C SER B 241 -35.82 14.16 29.45
N GLY B 242 -35.83 12.88 29.81
CA GLY B 242 -37.08 12.15 29.95
C GLY B 242 -37.50 11.66 28.58
N VAL B 243 -37.05 12.36 27.54
CA VAL B 243 -37.38 12.02 26.16
C VAL B 243 -37.26 10.52 25.88
N ASP B 244 -38.33 9.95 25.32
CA ASP B 244 -38.37 8.53 24.97
C ASP B 244 -37.65 8.37 23.64
N ALA B 245 -36.40 8.80 23.60
CA ALA B 245 -35.59 8.73 22.39
C ALA B 245 -35.07 7.33 22.11
N GLU B 246 -35.04 6.95 20.83
CA GLU B 246 -34.54 5.65 20.43
C GLU B 246 -33.05 5.74 20.12
N VAL B 247 -32.23 5.07 20.92
CA VAL B 247 -30.79 5.10 20.75
C VAL B 247 -30.33 3.99 19.81
N ILE B 248 -29.73 4.40 18.69
CA ILE B 248 -29.22 3.47 17.68
C ILE B 248 -27.69 3.47 17.61
N ASP B 249 -27.08 2.34 17.95
CA ASP B 249 -25.63 2.21 17.90
C ASP B 249 -25.28 1.54 16.58
N LEU B 250 -24.99 2.35 15.57
CA LEU B 250 -24.66 1.84 14.24
C LEU B 250 -23.74 0.63 14.26
N ARG B 251 -22.69 0.68 15.10
CA ARG B 251 -21.72 -0.41 15.19
C ARG B 251 -20.87 -0.47 13.93
N SER B 252 -21.52 -0.32 12.78
CA SER B 252 -20.82 -0.31 11.49
C SER B 252 -21.04 1.07 10.91
N LEU B 253 -19.99 1.89 10.92
CA LEU B 253 -20.11 3.25 10.41
C LEU B 253 -20.36 3.26 8.92
N TRP B 254 -19.58 2.48 8.18
CA TRP B 254 -19.74 2.41 6.73
C TRP B 254 -18.98 1.25 6.11
N PRO B 255 -19.69 0.40 5.35
CA PRO B 255 -21.13 0.51 5.08
C PRO B 255 -21.96 0.44 6.37
N LEU B 256 -23.12 1.10 6.37
CA LEU B 256 -23.97 1.09 7.55
C LEU B 256 -25.33 0.46 7.29
N ASP B 257 -26.08 0.24 8.37
CA ASP B 257 -27.40 -0.37 8.30
C ASP B 257 -28.46 0.69 7.97
N LEU B 258 -28.53 1.08 6.70
CA LEU B 258 -29.46 2.10 6.23
C LEU B 258 -30.92 1.85 6.56
N ASP B 259 -31.33 0.59 6.63
CA ASP B 259 -32.71 0.29 6.92
C ASP B 259 -33.09 0.52 8.40
N THR B 260 -32.40 -0.15 9.31
CA THR B 260 -32.69 0.02 10.73
C THR B 260 -32.70 1.50 11.12
N ILE B 261 -32.05 2.33 10.32
CA ILE B 261 -32.01 3.75 10.61
C ILE B 261 -33.19 4.48 10.00
N VAL B 262 -33.39 4.30 8.70
CA VAL B 262 -34.49 4.94 7.99
C VAL B 262 -35.83 4.47 8.55
N GLU B 263 -35.80 3.32 9.21
CA GLU B 263 -37.01 2.72 9.80
C GLU B 263 -37.35 3.33 11.15
N SER B 264 -36.33 3.71 11.91
CA SER B 264 -36.56 4.30 13.23
C SER B 264 -36.94 5.76 13.13
N VAL B 265 -36.46 6.43 12.08
CA VAL B 265 -36.78 7.84 11.86
C VAL B 265 -38.13 7.93 11.16
N LYS B 266 -38.46 6.88 10.41
CA LYS B 266 -39.73 6.83 9.69
C LYS B 266 -40.84 6.85 10.73
N LYS B 267 -40.69 6.00 11.74
CA LYS B 267 -41.65 5.91 12.84
C LYS B 267 -41.61 7.21 13.61
N THR B 268 -40.48 7.44 14.28
CA THR B 268 -40.25 8.64 15.09
C THR B 268 -40.64 9.95 14.42
N GLY B 269 -39.95 10.29 13.35
CA GLY B 269 -40.22 11.52 12.64
C GLY B 269 -39.17 12.58 12.92
N ARG B 270 -38.15 12.21 13.70
CA ARG B 270 -37.07 13.12 14.04
C ARG B 270 -35.85 12.39 14.59
N CYS B 271 -34.66 12.85 14.22
CA CYS B 271 -33.44 12.23 14.69
C CYS B 271 -32.34 13.22 15.04
N VAL B 272 -31.44 12.79 15.91
CA VAL B 272 -30.31 13.60 16.36
C VAL B 272 -29.06 12.73 16.26
N VAL B 273 -28.02 13.27 15.62
CA VAL B 273 -26.75 12.56 15.46
C VAL B 273 -25.75 12.97 16.53
N VAL B 274 -25.11 11.98 17.15
CA VAL B 274 -24.14 12.27 18.19
C VAL B 274 -22.83 11.48 18.08
N HIS B 275 -21.73 12.22 17.92
CA HIS B 275 -20.40 11.61 17.85
C HIS B 275 -19.35 12.59 18.35
N GLU B 276 -18.25 12.07 18.89
CA GLU B 276 -17.17 12.90 19.42
C GLU B 276 -16.46 13.77 18.38
N ALA B 277 -16.18 13.19 17.21
CA ALA B 277 -15.46 13.89 16.15
C ALA B 277 -15.89 15.34 15.94
N THR B 278 -14.98 16.16 15.40
CA THR B 278 -15.28 17.55 15.14
C THR B 278 -16.56 17.60 14.29
N ARG B 279 -17.13 18.78 14.10
CA ARG B 279 -18.37 18.88 13.33
C ARG B 279 -18.20 18.85 11.82
N THR B 280 -17.85 20.00 11.25
CA THR B 280 -17.68 20.14 9.81
C THR B 280 -17.07 18.93 9.10
N CYS B 281 -17.84 18.42 8.13
CA CYS B 281 -17.44 17.26 7.34
C CYS B 281 -17.15 16.00 8.15
N GLY B 282 -17.71 15.96 9.35
CA GLY B 282 -17.52 14.79 10.19
C GLY B 282 -18.41 13.70 9.60
N PHE B 283 -18.41 12.52 10.22
CA PHE B 283 -19.23 11.43 9.71
C PHE B 283 -20.70 11.81 9.84
N GLY B 284 -21.01 12.58 10.87
CA GLY B 284 -22.38 13.01 11.10
C GLY B 284 -23.00 13.75 9.94
N ALA B 285 -22.17 14.26 9.03
CA ALA B 285 -22.67 14.99 7.87
C ALA B 285 -23.25 14.06 6.81
N GLU B 286 -22.77 12.82 6.78
CA GLU B 286 -23.27 11.83 5.83
C GLU B 286 -24.57 11.25 6.37
N LEU B 287 -24.59 10.97 7.67
CA LEU B 287 -25.78 10.44 8.30
C LEU B 287 -26.93 11.42 8.06
N VAL B 288 -26.65 12.70 8.28
CA VAL B 288 -27.66 13.74 8.08
C VAL B 288 -28.12 13.79 6.63
N SER B 289 -27.18 13.68 5.70
CA SER B 289 -27.48 13.73 4.28
C SER B 289 -28.30 12.56 3.76
N LEU B 290 -28.20 11.41 4.43
CA LEU B 290 -28.95 10.24 4.01
C LEU B 290 -30.36 10.29 4.61
N VAL B 291 -30.44 10.74 5.87
CA VAL B 291 -31.72 10.84 6.56
C VAL B 291 -32.62 11.81 5.80
N GLN B 292 -32.04 12.92 5.36
CA GLN B 292 -32.77 13.94 4.63
C GLN B 292 -33.21 13.46 3.24
N GLU B 293 -32.65 12.34 2.78
CA GLU B 293 -32.98 11.80 1.47
C GLU B 293 -34.05 10.72 1.50
N HIS B 294 -33.95 9.81 2.45
CA HIS B 294 -34.92 8.72 2.57
C HIS B 294 -35.98 8.99 3.62
N CYS B 295 -35.97 10.17 4.22
CA CYS B 295 -36.95 10.53 5.24
C CYS B 295 -37.28 12.03 5.24
N PHE B 296 -37.38 12.62 4.05
CA PHE B 296 -37.67 14.04 3.93
C PHE B 296 -39.06 14.47 4.39
N HIS B 297 -40.08 13.75 3.94
CA HIS B 297 -41.45 14.09 4.29
C HIS B 297 -41.82 13.62 5.70
N HIS B 298 -41.45 12.39 6.04
CA HIS B 298 -41.74 11.86 7.37
C HIS B 298 -40.94 12.60 8.44
N LEU B 299 -40.22 13.64 8.05
CA LEU B 299 -39.40 14.39 9.00
C LEU B 299 -40.19 15.53 9.66
N GLU B 300 -40.30 15.47 10.98
CA GLU B 300 -41.06 16.47 11.74
C GLU B 300 -40.22 17.52 12.46
N ALA B 301 -39.08 17.89 11.87
CA ALA B 301 -38.19 18.89 12.46
C ALA B 301 -36.80 18.82 11.83
N PRO B 302 -35.98 19.87 11.99
CA PRO B 302 -34.63 19.87 11.44
C PRO B 302 -33.78 18.81 12.13
N ILE B 303 -33.00 18.06 11.34
CA ILE B 303 -32.14 17.03 11.92
C ILE B 303 -31.02 17.72 12.69
N GLU B 304 -30.83 17.33 13.94
CA GLU B 304 -29.81 17.92 14.78
C GLU B 304 -28.64 16.97 15.02
N ARG B 305 -27.48 17.56 15.29
CA ARG B 305 -26.29 16.77 15.58
C ARG B 305 -25.45 17.43 16.68
N VAL B 306 -25.16 16.64 17.71
CA VAL B 306 -24.35 17.09 18.83
C VAL B 306 -23.00 16.42 18.68
N THR B 307 -21.97 17.21 18.40
CA THR B 307 -20.64 16.66 18.21
C THR B 307 -19.59 17.51 18.89
N GLY B 308 -18.32 17.18 18.65
CA GLY B 308 -17.24 17.95 19.22
C GLY B 308 -17.12 19.26 18.49
N TRP B 309 -16.56 20.28 19.12
CA TRP B 309 -16.42 21.57 18.47
C TRP B 309 -15.35 21.48 17.36
N ASP B 310 -15.36 22.43 16.43
CA ASP B 310 -14.39 22.45 15.35
C ASP B 310 -13.06 22.99 15.85
N THR B 311 -12.50 22.29 16.81
CA THR B 311 -11.24 22.70 17.39
C THR B 311 -10.43 21.47 17.82
N PRO B 312 -9.10 21.60 17.87
CA PRO B 312 -8.29 20.47 18.29
C PRO B 312 -8.67 20.12 19.74
N TYR B 313 -8.59 18.84 20.09
CA TYR B 313 -8.96 18.38 21.42
C TYR B 313 -8.08 18.96 22.53
N PRO B 314 -8.67 19.79 23.41
CA PRO B 314 -7.92 20.39 24.51
C PRO B 314 -7.71 19.41 25.67
N HIS B 315 -6.87 19.80 26.61
CA HIS B 315 -6.59 18.97 27.78
C HIS B 315 -7.36 19.47 28.99
N ALA B 316 -7.15 20.74 29.33
CA ALA B 316 -7.82 21.34 30.47
C ALA B 316 -9.32 21.41 30.26
N GLN B 317 -9.73 22.05 29.17
CA GLN B 317 -11.15 22.18 28.86
C GLN B 317 -11.81 20.87 28.39
N GLU B 318 -11.27 19.74 28.82
CA GLU B 318 -11.79 18.42 28.45
C GLU B 318 -13.31 18.32 28.47
N TRP B 319 -13.89 18.51 29.64
CA TRP B 319 -15.32 18.41 29.86
C TRP B 319 -16.17 19.46 29.16
N ALA B 320 -15.53 20.50 28.63
CA ALA B 320 -16.23 21.56 27.91
C ALA B 320 -16.31 21.17 26.43
N TYR B 321 -15.42 20.27 26.01
CA TYR B 321 -15.40 19.83 24.63
C TYR B 321 -16.30 18.62 24.45
N PHE B 322 -15.98 17.55 25.17
CA PHE B 322 -16.72 16.31 25.09
C PHE B 322 -18.23 16.50 25.21
N PRO B 323 -18.99 15.98 24.23
CA PRO B 323 -20.45 16.10 24.25
C PRO B 323 -21.04 15.22 25.34
N GLY B 324 -21.17 15.77 26.54
CA GLY B 324 -21.70 15.01 27.67
C GLY B 324 -23.21 14.97 27.78
N PRO B 325 -23.74 14.18 28.72
CA PRO B 325 -25.17 14.01 28.97
C PRO B 325 -25.95 15.32 28.94
N SER B 326 -25.26 16.41 29.29
CA SER B 326 -25.89 17.72 29.34
C SER B 326 -26.09 18.33 27.95
N ARG B 327 -24.99 18.73 27.30
CA ARG B 327 -25.08 19.33 25.97
C ARG B 327 -25.90 18.46 25.01
N VAL B 328 -25.84 17.16 25.20
CA VAL B 328 -26.60 16.22 24.36
C VAL B 328 -28.08 16.33 24.73
N GLY B 329 -28.38 16.13 26.01
CA GLY B 329 -29.74 16.22 26.48
C GLY B 329 -30.45 17.46 25.95
N ALA B 330 -29.78 18.59 26.03
CA ALA B 330 -30.33 19.85 25.56
C ALA B 330 -30.85 19.67 24.14
N ALA B 331 -30.12 18.89 23.35
CA ALA B 331 -30.49 18.62 21.97
C ALA B 331 -31.77 17.80 21.86
N LEU B 332 -31.94 16.85 22.78
CA LEU B 332 -33.13 16.01 22.78
C LEU B 332 -34.40 16.81 23.03
N LYS B 333 -34.24 18.04 23.51
CA LYS B 333 -35.38 18.91 23.78
C LYS B 333 -35.59 19.85 22.61
N LYS B 334 -34.50 20.44 22.13
CA LYS B 334 -34.55 21.37 21.01
C LYS B 334 -35.29 20.76 19.81
N VAL B 335 -35.20 19.45 19.66
CA VAL B 335 -35.85 18.76 18.55
C VAL B 335 -37.32 18.45 18.84
N GLU B 337 -39.26 20.28 20.14
CA GLU B 337 -39.93 21.57 20.24
C GLU B 337 -40.69 21.97 18.98
N VAL B 338 -41.79 22.68 19.19
CA VAL B 338 -42.64 23.14 18.10
C VAL B 338 -42.39 24.63 17.85
#